data_5WFP
#
_entry.id   5WFP
#
_cell.length_a   182.530
_cell.length_b   182.530
_cell.length_c   177.314
_cell.angle_alpha   90.00
_cell.angle_beta   90.00
_cell.angle_gamma   90.00
#
_symmetry.space_group_name_H-M   'I 4 2 2'
#
loop_
_entity.id
_entity.type
_entity.pdbx_description
1 polymer 'GTPase HRas'
2 polymer 'Son of sevenless homolog 1'
3 non-polymer 'MAGNESIUM ION'
4 non-polymer 'PHOSPHOAMINOPHOSPHONIC ACID-GUANYLATE ESTER'
5 non-polymer 6-chloranyl-~{N}-(3-chloranyl-4-fluoranyl-phenyl)-1,2,3,4-tetrahydroacridin-9-amine
6 water water
#
loop_
_entity_poly.entity_id
_entity_poly.type
_entity_poly.pdbx_seq_one_letter_code
_entity_poly.pdbx_strand_id
1 'polypeptide(L)'
;GMTEYKLVVVGAGGVGKSALTIQLIQNHFVDEYDPTIEDSYRKQVVIDGETCLLDILDTAGQEEYSAMRDQYMRTGEGFL
CVFAINNTKSFEDIHQYREQIKRVKDSDDVPMVLVGNKCDLAARTVESRQAQDLARSYGIPYIETSAKTRQGVEDAFYTL
VREIRQH
;
Q,R
2 'polypeptide(L)'
;GQMRLPSADVYRFAEPDSEENIIFEENMQPKAGIPIIKAGTVIKLIERLTYHMYADPNFVRTFLTTYRSFCKPQELLSLI
IERFEIPEPEPTEADRIAIENGDQPLSAELKRFRKEYIQPVQLRVLNVCRHWVEHHFYDFERDAYLLQRMEEFIGTVRGK
AMKKWVESITKIIQRKKIARDNGPGHNITFQSSPPTVEWHISRPGHIETFDLLTLHPIEIARQLTLLESDLYRAVQPSEL
VGSVWTKEDKEINSPNLLKMIRHTTNLTLWFEKCIVETENLEERVAVVSRIIEILQVFQELNNFNGVLEVVSAMNSSPVY
RLDHTFEQIPSRQKKILEEAHELSEDHYKKYLAKLRSINPPCVPFFGIYLTNILKTEEGNPEVLKRHGKELINFSKRRKV
AEITGEIQQYQNQPYCLRVESDIKRFFENLNPMGNSMEKEFTDYLFNKSLEIEPRNPKPLPRFPKKYSYPLKSPGVRPSN
PR
;
N
#
loop_
_chem_comp.id
_chem_comp.type
_chem_comp.name
_chem_comp.formula
5UX non-polymer 6-chloranyl-~{N}-(3-chloranyl-4-fluoranyl-phenyl)-1,2,3,4-tetrahydroacridin-9-amine 'C19 H15 Cl2 F N2'
GNP non-polymer 'PHOSPHOAMINOPHOSPHONIC ACID-GUANYLATE ESTER' 'C10 H17 N6 O13 P3'
MG non-polymer 'MAGNESIUM ION' 'Mg 2'
#
# COMPACT_ATOMS: atom_id res chain seq x y z
N MET A 2 -13.60 -2.82 -10.88
CA MET A 2 -14.09 -1.50 -10.51
C MET A 2 -13.72 -0.44 -11.56
N THR A 3 -14.65 0.46 -11.82
CA THR A 3 -14.43 1.54 -12.76
C THR A 3 -13.64 2.66 -12.12
N GLU A 4 -12.72 3.23 -12.87
CA GLU A 4 -11.90 4.34 -12.42
C GLU A 4 -12.43 5.68 -13.00
N TYR A 5 -12.52 6.70 -12.15
CA TYR A 5 -13.03 8.01 -12.57
C TYR A 5 -11.99 9.11 -12.34
N LYS A 6 -11.65 9.84 -13.40
CA LYS A 6 -10.71 10.95 -13.30
C LYS A 6 -11.45 12.25 -13.02
N LEU A 7 -11.40 12.70 -11.77
CA LEU A 7 -12.02 13.96 -11.36
C LEU A 7 -10.95 15.04 -11.26
N VAL A 8 -11.29 16.25 -11.66
CA VAL A 8 -10.38 17.38 -11.58
C VAL A 8 -11.05 18.53 -10.85
N VAL A 9 -10.37 19.08 -9.85
CA VAL A 9 -10.93 20.19 -9.07
C VAL A 9 -10.28 21.51 -9.50
N VAL A 10 -11.07 22.45 -10.00
CA VAL A 10 -10.59 23.73 -10.55
C VAL A 10 -11.30 24.96 -9.95
N GLY A 11 -10.69 26.13 -10.10
CA GLY A 11 -11.24 27.35 -9.55
C GLY A 11 -10.16 28.27 -9.01
N ALA A 12 -10.54 29.50 -8.69
CA ALA A 12 -9.58 30.54 -8.32
C ALA A 12 -8.78 30.18 -7.08
N GLY A 13 -7.64 30.83 -6.91
CA GLY A 13 -6.79 30.57 -5.77
C GLY A 13 -7.46 30.87 -4.45
N GLY A 14 -7.32 29.96 -3.49
CA GLY A 14 -7.82 30.17 -2.15
C GLY A 14 -9.29 29.84 -1.89
N VAL A 15 -10.02 29.34 -2.89
CA VAL A 15 -11.44 29.02 -2.68
C VAL A 15 -11.68 27.74 -1.87
N GLY A 16 -10.64 26.93 -1.72
CA GLY A 16 -10.74 25.74 -0.89
C GLY A 16 -10.76 24.43 -1.68
N LYS A 17 -10.15 24.41 -2.85
CA LYS A 17 -10.09 23.19 -3.64
C LYS A 17 -9.37 22.06 -2.89
N SER A 18 -8.23 22.39 -2.28
CA SER A 18 -7.45 21.40 -1.56
C SER A 18 -8.12 20.99 -0.26
N ALA A 19 -8.69 21.96 0.46
CA ALA A 19 -9.39 21.64 1.70
C ALA A 19 -10.57 20.69 1.44
N LEU A 20 -11.27 20.90 0.32
CA LEU A 20 -12.38 20.05 -0.05
C LEU A 20 -11.90 18.63 -0.32
N THR A 21 -10.82 18.54 -1.08
CA THR A 21 -10.27 17.25 -1.49
C THR A 21 -9.75 16.48 -0.28
N ILE A 22 -9.01 17.15 0.61
CA ILE A 22 -8.43 16.49 1.77
C ILE A 22 -9.50 16.11 2.82
N GLN A 23 -10.55 16.92 2.94
CA GLN A 23 -11.70 16.54 3.76
C GLN A 23 -12.31 15.25 3.21
N LEU A 24 -12.51 15.16 1.89
CA LEU A 24 -13.04 13.94 1.29
C LEU A 24 -12.12 12.73 1.52
N ILE A 25 -10.82 12.91 1.34
CA ILE A 25 -9.85 11.82 1.38
C ILE A 25 -9.54 11.36 2.82
N GLN A 26 -9.35 12.32 3.72
CA GLN A 26 -8.84 12.03 5.04
C GLN A 26 -9.78 12.39 6.16
N ASN A 27 -10.93 12.98 5.84
CA ASN A 27 -11.86 13.46 6.87
C ASN A 27 -11.20 14.48 7.80
N HIS A 28 -10.31 15.28 7.23
CA HIS A 28 -9.52 16.25 7.97
C HIS A 28 -9.62 17.65 7.33
N PHE A 29 -9.88 18.68 8.13
CA PHE A 29 -9.90 20.05 7.61
C PHE A 29 -8.53 20.70 7.68
N VAL A 30 -8.04 21.14 6.53
CA VAL A 30 -6.77 21.84 6.45
C VAL A 30 -6.96 23.33 6.71
N ASP A 31 -6.35 23.85 7.77
CA ASP A 31 -6.49 25.25 8.11
C ASP A 31 -5.51 26.15 7.37
N GLU A 32 -4.35 25.60 7.04
CA GLU A 32 -3.32 26.32 6.35
C GLU A 32 -3.72 26.60 4.91
N TYR A 33 -3.13 27.64 4.35
CA TYR A 33 -3.33 28.00 2.96
C TYR A 33 -1.99 27.81 2.25
N ASP A 34 -1.79 26.61 1.72
CA ASP A 34 -0.58 26.25 0.97
C ASP A 34 -0.94 26.13 -0.50
N PRO A 35 -0.61 27.15 -1.30
CA PRO A 35 -1.02 27.14 -2.72
C PRO A 35 -0.51 25.89 -3.44
N THR A 36 -1.42 25.23 -4.13
CA THR A 36 -1.15 23.99 -4.82
C THR A 36 -0.44 24.25 -6.15
N ILE A 37 0.39 23.32 -6.57
CA ILE A 37 0.89 23.33 -7.94
C ILE A 37 0.14 22.26 -8.72
N GLU A 38 0.22 21.01 -8.26
CA GLU A 38 -0.62 19.92 -8.77
C GLU A 38 -0.45 18.70 -7.86
N ASP A 39 -1.57 18.26 -7.29
CA ASP A 39 -1.61 17.12 -6.36
C ASP A 39 -2.62 16.09 -6.85
N SER A 40 -2.34 14.83 -6.57
CA SER A 40 -3.19 13.73 -7.00
C SER A 40 -3.59 12.86 -5.80
N TYR A 41 -4.86 12.44 -5.75
CA TYR A 41 -5.37 11.58 -4.69
C TYR A 41 -6.23 10.43 -5.26
N ARG A 42 -6.21 9.28 -4.58
CA ARG A 42 -7.09 8.17 -4.94
C ARG A 42 -8.01 7.80 -3.79
N LYS A 43 -9.23 7.40 -4.14
CA LYS A 43 -10.21 6.99 -3.15
C LYS A 43 -11.10 5.89 -3.71
N GLN A 44 -11.04 4.72 -3.08
CA GLN A 44 -11.99 3.64 -3.34
C GLN A 44 -13.24 3.93 -2.53
N VAL A 45 -14.39 3.94 -3.20
CA VAL A 45 -15.62 4.27 -2.51
C VAL A 45 -16.82 3.60 -3.21
N VAL A 46 -17.82 3.20 -2.42
CA VAL A 46 -19.03 2.64 -2.99
C VAL A 46 -20.04 3.77 -3.20
N ILE A 47 -20.44 3.98 -4.45
CA ILE A 47 -21.45 4.98 -4.78
C ILE A 47 -22.62 4.31 -5.51
N ASP A 48 -23.84 4.56 -5.02
CA ASP A 48 -25.03 3.87 -5.53
C ASP A 48 -24.82 2.37 -5.66
N GLY A 49 -24.18 1.76 -4.66
CA GLY A 49 -23.98 0.32 -4.65
C GLY A 49 -22.91 -0.20 -5.59
N GLU A 50 -22.20 0.69 -6.25
CA GLU A 50 -21.12 0.26 -7.13
C GLU A 50 -19.76 0.78 -6.62
N THR A 51 -18.79 -0.11 -6.50
CA THR A 51 -17.47 0.30 -6.05
C THR A 51 -16.74 1.08 -7.15
N CYS A 52 -16.26 2.28 -6.80
CA CYS A 52 -15.56 3.18 -7.72
C CYS A 52 -14.13 3.39 -7.22
N LEU A 53 -13.21 3.62 -8.14
CA LEU A 53 -11.91 4.16 -7.79
C LEU A 53 -11.81 5.60 -8.33
N LEU A 54 -11.78 6.57 -7.44
CA LEU A 54 -11.67 7.97 -7.85
C LEU A 54 -10.23 8.44 -7.91
N ASP A 55 -9.77 8.96 -9.05
CA ASP A 55 -8.52 9.71 -9.10
CA ASP A 55 -8.52 9.70 -9.06
C ASP A 55 -8.85 11.18 -9.13
N ILE A 56 -8.39 11.92 -8.12
CA ILE A 56 -8.73 13.31 -8.03
C ILE A 56 -7.48 14.15 -8.26
N LEU A 57 -7.53 15.00 -9.28
CA LEU A 57 -6.47 15.94 -9.53
C LEU A 57 -6.83 17.29 -8.91
N ASP A 58 -5.98 17.74 -7.99
CA ASP A 58 -6.15 18.99 -7.28
C ASP A 58 -5.25 20.02 -7.94
N THR A 59 -5.82 21.10 -8.45
CA THR A 59 -5.04 21.98 -9.32
C THR A 59 -4.72 23.33 -8.70
N ALA A 60 -3.90 24.10 -9.42
CA ALA A 60 -3.48 25.41 -8.96
C ALA A 60 -4.49 26.48 -9.37
N GLY A 61 -4.94 27.27 -8.40
CA GLY A 61 -5.78 28.41 -8.71
C GLY A 61 -4.99 29.70 -8.90
N GLN A 62 -3.76 29.79 -8.38
CA GLN A 62 -3.00 31.04 -8.51
C GLN A 62 -2.78 31.36 -9.99
N GLU A 63 -2.93 32.64 -10.35
CA GLU A 63 -2.88 33.05 -11.76
C GLU A 63 -1.54 32.75 -12.40
N GLU A 64 -0.49 32.74 -11.57
CA GLU A 64 0.86 32.46 -12.08
C GLU A 64 0.97 31.08 -12.70
N TYR A 65 0.02 30.21 -12.40
CA TYR A 65 0.06 28.87 -12.99
C TYR A 65 -0.92 28.68 -14.15
N SER A 66 -1.50 29.77 -14.63
CA SER A 66 -2.62 29.69 -15.58
C SER A 66 -2.27 29.09 -16.95
N ALA A 67 -0.99 29.01 -17.27
CA ALA A 67 -0.60 28.47 -18.58
C ALA A 67 -0.54 26.95 -18.57
N MET A 68 -0.80 26.33 -17.43
CA MET A 68 -0.62 24.88 -17.34
C MET A 68 -1.92 24.12 -17.12
N ARG A 69 -3.03 24.77 -17.42
CA ARG A 69 -4.36 24.20 -17.24
C ARG A 69 -4.79 23.26 -18.33
N ASP A 70 -4.47 23.63 -19.58
CA ASP A 70 -4.80 22.80 -20.73
C ASP A 70 -4.41 21.37 -20.43
N GLN A 71 -3.24 21.26 -19.82
CA GLN A 71 -2.55 20.00 -19.62
C GLN A 71 -3.40 19.02 -18.80
N TYR A 72 -3.98 19.48 -17.71
CA TYR A 72 -4.82 18.59 -16.90
C TYR A 72 -6.27 18.50 -17.37
N MET A 73 -6.73 19.49 -18.13
CA MET A 73 -8.10 19.44 -18.61
C MET A 73 -8.27 18.34 -19.64
N ARG A 74 -7.19 17.96 -20.32
CA ARG A 74 -7.30 16.92 -21.34
C ARG A 74 -7.59 15.56 -20.71
N THR A 75 -6.97 15.30 -19.56
CA THR A 75 -7.11 14.01 -18.91
C THR A 75 -8.42 13.85 -18.13
N GLY A 76 -8.89 14.92 -17.51
CA GLY A 76 -10.09 14.87 -16.69
C GLY A 76 -11.34 14.37 -17.41
N GLU A 77 -12.13 13.56 -16.70
CA GLU A 77 -13.41 13.09 -17.21
C GLU A 77 -14.54 13.95 -16.66
N GLY A 78 -14.27 14.62 -15.54
CA GLY A 78 -15.29 15.42 -14.89
C GLY A 78 -14.65 16.50 -14.03
N PHE A 79 -15.34 17.62 -13.87
CA PHE A 79 -14.73 18.77 -13.22
C PHE A 79 -15.60 19.35 -12.12
N LEU A 80 -14.97 19.54 -10.97
CA LEU A 80 -15.54 20.35 -9.91
C LEU A 80 -15.07 21.79 -10.14
N CYS A 81 -16.01 22.68 -10.45
CA CYS A 81 -15.70 24.09 -10.63
C CYS A 81 -16.06 24.83 -9.36
N VAL A 82 -15.02 25.21 -8.63
CA VAL A 82 -15.20 25.71 -7.27
C VAL A 82 -15.01 27.22 -7.18
N PHE A 83 -15.94 27.89 -6.50
CA PHE A 83 -15.74 29.27 -6.08
C PHE A 83 -16.04 29.34 -4.58
N ALA A 84 -15.76 30.48 -3.96
CA ALA A 84 -16.09 30.67 -2.54
C ALA A 84 -17.23 31.67 -2.42
N ILE A 85 -18.24 31.33 -1.63
CA ILE A 85 -19.43 32.17 -1.57
C ILE A 85 -19.19 33.52 -0.87
N ASN A 86 -18.01 33.70 -0.29
CA ASN A 86 -17.64 35.00 0.27
C ASN A 86 -16.62 35.71 -0.62
N ASN A 87 -16.52 35.28 -1.87
CA ASN A 87 -15.57 35.88 -2.80
C ASN A 87 -16.16 36.03 -4.21
N THR A 88 -16.68 37.22 -4.49
CA THR A 88 -17.33 37.52 -5.76
C THR A 88 -16.43 37.34 -6.97
N LYS A 89 -15.16 37.72 -6.84
CA LYS A 89 -14.20 37.56 -7.93
C LYS A 89 -14.02 36.09 -8.32
N SER A 90 -13.98 35.22 -7.31
CA SER A 90 -13.83 33.79 -7.59
C SER A 90 -15.05 33.26 -8.35
N PHE A 91 -16.23 33.79 -8.05
CA PHE A 91 -17.44 33.44 -8.80
C PHE A 91 -17.35 33.91 -10.25
N GLU A 92 -16.87 35.15 -10.44
CA GLU A 92 -16.68 35.68 -11.78
C GLU A 92 -15.62 34.89 -12.55
N ASP A 93 -14.70 34.26 -11.83
CA ASP A 93 -13.65 33.46 -12.47
C ASP A 93 -14.17 32.15 -13.04
N ILE A 94 -15.31 31.65 -12.52
CA ILE A 94 -15.89 30.38 -12.96
C ILE A 94 -16.05 30.28 -14.46
N HIS A 95 -16.61 31.35 -15.02
CA HIS A 95 -16.93 31.44 -16.42
C HIS A 95 -15.71 31.11 -17.28
N GLN A 96 -14.54 31.59 -16.89
CA GLN A 96 -13.31 31.31 -17.63
C GLN A 96 -12.90 29.84 -17.54
N TYR A 97 -13.08 29.21 -16.38
CA TYR A 97 -12.78 27.79 -16.27
C TYR A 97 -13.72 26.96 -17.16
N ARG A 98 -15.02 27.25 -17.09
CA ARG A 98 -16.03 26.56 -17.91
CA ARG A 98 -16.01 26.56 -17.91
C ARG A 98 -15.67 26.64 -19.39
N GLU A 99 -15.33 27.84 -19.87
CA GLU A 99 -15.06 28.00 -21.28
C GLU A 99 -13.76 27.29 -21.69
N GLN A 100 -12.73 27.37 -20.85
CA GLN A 100 -11.49 26.70 -21.21
C GLN A 100 -11.67 25.17 -21.25
N ILE A 101 -12.43 24.63 -20.30
CA ILE A 101 -12.69 23.18 -20.31
C ILE A 101 -13.41 22.76 -21.61
N LYS A 102 -14.46 23.47 -21.97
CA LYS A 102 -15.17 23.22 -23.22
C LYS A 102 -14.24 23.28 -24.44
N ARG A 103 -13.40 24.30 -24.50
N ARG A 103 -13.40 24.30 -24.45
CA ARG A 103 -12.47 24.43 -25.62
CA ARG A 103 -12.44 24.54 -25.52
C ARG A 103 -11.50 23.26 -25.65
C ARG A 103 -11.45 23.38 -25.64
N VAL A 104 -10.86 22.99 -24.51
CA VAL A 104 -9.85 21.93 -24.47
C VAL A 104 -10.41 20.57 -24.84
N LYS A 105 -11.58 20.24 -24.32
CA LYS A 105 -12.13 18.92 -24.57
C LYS A 105 -12.99 18.94 -25.84
N ASP A 106 -13.07 20.12 -26.45
CA ASP A 106 -13.87 20.37 -27.65
C ASP A 106 -15.25 19.74 -27.55
N SER A 107 -15.99 20.15 -26.52
CA SER A 107 -17.30 19.61 -26.25
C SER A 107 -18.10 20.53 -25.38
N ASP A 108 -19.42 20.55 -25.61
CA ASP A 108 -20.34 21.32 -24.78
C ASP A 108 -20.96 20.40 -23.73
N ASP A 109 -20.60 19.12 -23.80
CA ASP A 109 -21.19 18.08 -22.94
C ASP A 109 -20.19 17.49 -21.95
N VAL A 110 -19.53 18.32 -21.15
CA VAL A 110 -18.53 17.83 -20.19
C VAL A 110 -19.13 17.74 -18.79
N PRO A 111 -19.01 16.57 -18.15
CA PRO A 111 -19.52 16.40 -16.78
C PRO A 111 -18.90 17.43 -15.83
N MET A 112 -19.75 18.15 -15.14
CA MET A 112 -19.32 19.25 -14.30
C MET A 112 -20.28 19.45 -13.16
N VAL A 113 -19.76 19.93 -12.03
CA VAL A 113 -20.57 20.37 -10.91
C VAL A 113 -20.05 21.74 -10.50
N LEU A 114 -20.97 22.68 -10.28
CA LEU A 114 -20.64 24.00 -9.75
C LEU A 114 -20.68 23.94 -8.24
N VAL A 115 -19.60 24.37 -7.59
CA VAL A 115 -19.48 24.25 -6.16
C VAL A 115 -19.25 25.60 -5.51
N GLY A 116 -20.11 25.96 -4.58
CA GLY A 116 -19.95 27.18 -3.81
C GLY A 116 -19.45 26.81 -2.43
N ASN A 117 -18.14 26.95 -2.22
CA ASN A 117 -17.50 26.51 -0.97
C ASN A 117 -17.49 27.57 0.13
N LYS A 118 -17.13 27.14 1.33
CA LYS A 118 -17.06 27.94 2.55
C LYS A 118 -18.45 28.39 3.01
N CYS A 119 -19.45 27.52 2.82
CA CYS A 119 -20.81 27.89 3.19
C CYS A 119 -21.01 27.90 4.71
N ASP A 120 -19.96 27.56 5.46
CA ASP A 120 -19.98 27.68 6.92
C ASP A 120 -19.85 29.13 7.40
N LEU A 121 -19.37 30.01 6.52
CA LEU A 121 -19.16 31.41 6.87
C LEU A 121 -20.43 32.21 6.66
N ALA A 122 -20.72 33.12 7.59
CA ALA A 122 -21.94 33.93 7.50
C ALA A 122 -21.82 35.03 6.45
N ALA A 123 -20.62 35.58 6.28
CA ALA A 123 -20.43 36.74 5.41
C ALA A 123 -20.48 36.40 3.93
N ARG A 124 -21.61 35.92 3.46
CA ARG A 124 -21.79 35.57 2.04
C ARG A 124 -21.85 36.82 1.11
N THR A 125 -21.24 36.74 -0.07
CA THR A 125 -21.34 37.82 -1.06
C THR A 125 -21.88 37.34 -2.40
N VAL A 126 -21.89 36.02 -2.59
CA VAL A 126 -22.50 35.45 -3.77
C VAL A 126 -23.79 34.78 -3.35
N GLU A 127 -24.91 35.22 -3.88
CA GLU A 127 -26.20 34.65 -3.51
C GLU A 127 -26.42 33.31 -4.22
N SER A 128 -27.09 32.39 -3.54
CA SER A 128 -27.39 31.08 -4.09
C SER A 128 -28.12 31.16 -5.43
N ARG A 129 -29.08 32.07 -5.54
CA ARG A 129 -29.86 32.22 -6.77
C ARG A 129 -28.97 32.56 -7.96
N GLN A 130 -28.01 33.44 -7.73
CA GLN A 130 -27.07 33.83 -8.76
C GLN A 130 -26.24 32.64 -9.27
N ALA A 131 -25.69 31.86 -8.34
CA ALA A 131 -24.93 30.67 -8.72
C ALA A 131 -25.85 29.61 -9.36
N GLN A 132 -27.05 29.47 -8.83
CA GLN A 132 -28.00 28.52 -9.39
C GLN A 132 -28.36 28.86 -10.84
N ASP A 133 -28.59 30.15 -11.12
CA ASP A 133 -28.88 30.60 -12.49
C ASP A 133 -27.75 30.25 -13.43
N LEU A 134 -26.52 30.43 -12.97
CA LEU A 134 -25.37 30.08 -13.79
C LEU A 134 -25.32 28.58 -14.03
N ALA A 135 -25.49 27.79 -12.98
CA ALA A 135 -25.47 26.34 -13.13
C ALA A 135 -26.51 25.88 -14.16
N ARG A 136 -27.71 26.45 -14.08
CA ARG A 136 -28.77 26.07 -15.02
C ARG A 136 -28.37 26.41 -16.47
N SER A 137 -27.73 27.57 -16.66
CA SER A 137 -27.30 27.96 -18.00
C SER A 137 -26.22 27.01 -18.52
N TYR A 138 -25.52 26.32 -17.61
CA TYR A 138 -24.51 25.34 -17.98
C TYR A 138 -25.10 23.93 -18.06
N GLY A 139 -26.29 23.75 -17.52
CA GLY A 139 -26.92 22.44 -17.46
C GLY A 139 -26.30 21.50 -16.42
N ILE A 140 -25.83 22.07 -15.31
CA ILE A 140 -25.15 21.29 -14.30
C ILE A 140 -25.69 21.62 -12.92
N PRO A 141 -25.53 20.69 -11.96
CA PRO A 141 -25.99 20.95 -10.60
C PRO A 141 -25.09 21.95 -9.87
N TYR A 142 -25.68 22.60 -8.87
CA TYR A 142 -25.01 23.52 -8.00
C TYR A 142 -25.06 23.00 -6.58
N ILE A 143 -23.91 22.85 -5.94
CA ILE A 143 -23.88 22.33 -4.58
C ILE A 143 -23.03 23.25 -3.70
N GLU A 144 -23.59 23.65 -2.56
CA GLU A 144 -22.83 24.44 -1.60
C GLU A 144 -22.17 23.52 -0.59
N THR A 145 -20.94 23.86 -0.24
CA THR A 145 -20.09 22.97 0.55
C THR A 145 -19.36 23.71 1.64
N SER A 146 -18.94 22.96 2.64
CA SER A 146 -17.94 23.45 3.58
C SER A 146 -16.90 22.38 3.80
N ALA A 147 -15.66 22.66 3.40
CA ALA A 147 -14.57 21.72 3.68
C ALA A 147 -14.32 21.64 5.19
N LYS A 148 -14.76 22.66 5.92
CA LYS A 148 -14.53 22.72 7.36
C LYS A 148 -15.48 21.81 8.14
N THR A 149 -16.77 21.83 7.78
CA THR A 149 -17.77 21.03 8.49
C THR A 149 -18.16 19.72 7.79
N ARG A 150 -17.73 19.54 6.54
CA ARG A 150 -18.11 18.44 5.63
C ARG A 150 -19.46 18.62 4.95
N GLN A 151 -20.17 19.69 5.27
CA GLN A 151 -21.46 19.92 4.63
C GLN A 151 -21.31 19.88 3.11
N GLY A 152 -22.09 19.03 2.47
CA GLY A 152 -22.11 18.93 1.01
C GLY A 152 -20.91 18.32 0.30
N VAL A 153 -19.84 17.98 1.02
CA VAL A 153 -18.61 17.55 0.36
C VAL A 153 -18.80 16.23 -0.42
N GLU A 154 -19.31 15.19 0.23
CA GLU A 154 -19.59 13.94 -0.47
C GLU A 154 -20.60 14.16 -1.61
N ASP A 155 -21.62 14.96 -1.36
CA ASP A 155 -22.63 15.25 -2.38
C ASP A 155 -21.98 15.83 -3.63
N ALA A 156 -21.08 16.79 -3.45
CA ALA A 156 -20.44 17.45 -4.59
C ALA A 156 -19.61 16.44 -5.40
N PHE A 157 -18.74 15.70 -4.72
CA PHE A 157 -17.88 14.75 -5.43
C PHE A 157 -18.68 13.59 -6.03
N TYR A 158 -19.63 13.04 -5.28
CA TYR A 158 -20.28 11.84 -5.79
C TYR A 158 -21.32 12.20 -6.85
N THR A 159 -21.87 13.41 -6.78
CA THR A 159 -22.71 13.90 -7.87
C THR A 159 -21.91 13.97 -9.17
N LEU A 160 -20.67 14.48 -9.10
CA LEU A 160 -19.82 14.47 -10.28
C LEU A 160 -19.58 13.06 -10.82
N VAL A 161 -19.32 12.11 -9.93
CA VAL A 161 -19.15 10.72 -10.34
C VAL A 161 -20.39 10.24 -11.14
N ARG A 162 -21.57 10.54 -10.62
CA ARG A 162 -22.82 10.14 -11.28
C ARG A 162 -22.94 10.72 -12.69
N GLU A 163 -22.49 11.95 -12.87
CA GLU A 163 -22.54 12.57 -14.18
C GLU A 163 -21.59 11.92 -15.16
N ILE A 164 -20.39 11.56 -14.70
CA ILE A 164 -19.45 10.83 -15.56
C ILE A 164 -20.04 9.49 -15.95
N ARG A 165 -20.68 8.84 -14.98
CA ARG A 165 -21.28 7.53 -15.15
C ARG A 165 -22.35 7.48 -16.24
N GLN A 166 -23.17 8.52 -16.30
CA GLN A 166 -24.23 8.59 -17.30
C GLN A 166 -23.82 9.31 -18.57
N HIS A 167 -22.56 9.74 -18.64
CA HIS A 167 -22.08 10.50 -19.78
C HIS A 167 -22.03 9.61 -21.03
N GLY B 1 -8.34 -33.39 -15.33
CA GLY B 1 -7.23 -33.27 -16.26
C GLY B 1 -5.95 -33.87 -15.69
N MET B 2 -4.90 -33.07 -15.65
CA MET B 2 -3.62 -33.53 -15.13
C MET B 2 -3.57 -33.38 -13.62
N THR B 3 -2.63 -34.11 -13.02
CA THR B 3 -2.38 -33.97 -11.60
C THR B 3 -1.84 -32.58 -11.32
N GLU B 4 -2.33 -31.99 -10.24
CA GLU B 4 -1.78 -30.74 -9.76
C GLU B 4 -1.13 -31.00 -8.42
N TYR B 5 0.10 -30.54 -8.25
CA TYR B 5 0.80 -30.70 -6.98
C TYR B 5 0.88 -29.36 -6.25
N LYS B 6 0.55 -29.37 -4.96
CA LYS B 6 0.64 -28.17 -4.14
C LYS B 6 1.99 -28.14 -3.44
N LEU B 7 2.89 -27.30 -3.93
CA LEU B 7 4.23 -27.25 -3.35
C LEU B 7 4.37 -26.00 -2.46
N VAL B 8 5.05 -26.15 -1.32
CA VAL B 8 5.25 -25.01 -0.44
C VAL B 8 6.73 -24.78 -0.13
N VAL B 9 7.17 -23.55 -0.33
CA VAL B 9 8.54 -23.13 -0.09
C VAL B 9 8.63 -22.52 1.30
N VAL B 10 9.50 -23.05 2.14
CA VAL B 10 9.69 -22.47 3.47
C VAL B 10 11.18 -22.26 3.70
N GLY B 11 11.51 -21.32 4.61
CA GLY B 11 12.89 -21.06 4.98
C GLY B 11 13.06 -19.64 5.49
N ALA B 12 14.26 -19.36 6.01
CA ALA B 12 14.55 -18.05 6.59
C ALA B 12 14.37 -16.93 5.59
N GLY B 13 13.96 -15.76 6.06
CA GLY B 13 13.82 -14.60 5.20
C GLY B 13 15.13 -13.84 4.99
N GLY B 14 15.14 -12.96 4.01
CA GLY B 14 16.24 -12.01 3.83
C GLY B 14 17.49 -12.58 3.20
N VAL B 15 17.42 -13.80 2.67
CA VAL B 15 18.62 -14.44 2.12
C VAL B 15 18.35 -15.06 0.76
N GLY B 16 17.52 -14.40 -0.05
CA GLY B 16 17.33 -14.78 -1.45
C GLY B 16 16.41 -15.96 -1.75
N LYS B 17 15.67 -16.42 -0.75
CA LYS B 17 14.73 -17.56 -0.91
C LYS B 17 13.81 -17.45 -2.11
N SER B 18 13.26 -16.26 -2.35
CA SER B 18 12.26 -16.03 -3.39
C SER B 18 12.78 -16.23 -4.83
N ALA B 19 14.09 -16.21 -4.98
CA ALA B 19 14.71 -16.34 -6.30
C ALA B 19 14.41 -17.72 -6.90
N LEU B 20 14.29 -18.72 -6.04
CA LEU B 20 14.03 -20.09 -6.47
C LEU B 20 12.75 -20.21 -7.29
N THR B 21 11.63 -19.78 -6.72
CA THR B 21 10.36 -19.94 -7.39
C THR B 21 10.22 -18.99 -8.57
N ILE B 22 10.73 -17.77 -8.41
CA ILE B 22 10.78 -16.78 -9.48
C ILE B 22 11.53 -17.34 -10.70
N GLN B 23 12.70 -17.93 -10.46
CA GLN B 23 13.53 -18.46 -11.55
C GLN B 23 12.80 -19.61 -12.26
N LEU B 24 12.02 -20.38 -11.51
CA LEU B 24 11.27 -21.49 -12.08
C LEU B 24 10.09 -21.01 -12.93
N ILE B 25 9.28 -20.13 -12.39
CA ILE B 25 8.08 -19.66 -13.05
C ILE B 25 8.36 -18.73 -14.18
N GLN B 26 9.38 -17.93 -13.99
CA GLN B 26 9.81 -16.93 -14.89
C GLN B 26 9.88 -17.45 -16.24
N ASN B 27 9.92 -16.51 -17.15
CA ASN B 27 10.10 -16.80 -18.54
C ASN B 27 11.62 -16.91 -18.43
N HIS B 28 12.15 -18.06 -18.82
CA HIS B 28 13.57 -18.33 -18.67
C HIS B 28 14.48 -17.49 -19.46
N PHE B 29 13.97 -16.67 -20.36
CA PHE B 29 14.88 -15.86 -21.14
C PHE B 29 14.73 -14.36 -21.06
N VAL B 30 13.81 -13.95 -20.22
CA VAL B 30 13.71 -12.52 -19.91
C VAL B 30 13.64 -12.36 -18.40
N ASP B 31 14.64 -11.69 -17.84
CA ASP B 31 14.66 -11.44 -16.40
C ASP B 31 13.59 -10.42 -16.07
N GLU B 32 12.40 -10.93 -15.75
CA GLU B 32 11.25 -10.08 -15.48
C GLU B 32 10.28 -10.86 -14.59
N TYR B 33 9.39 -10.12 -13.91
CA TYR B 33 8.43 -10.76 -13.03
C TYR B 33 7.36 -9.80 -12.56
N ASP B 34 6.13 -10.29 -12.51
CA ASP B 34 5.07 -9.57 -11.85
C ASP B 34 4.29 -10.54 -10.96
N PRO B 35 4.60 -10.54 -9.66
CA PRO B 35 4.02 -11.51 -8.73
C PRO B 35 2.53 -11.29 -8.57
N THR B 36 2.07 -10.14 -9.08
CA THR B 36 0.71 -9.66 -8.93
C THR B 36 -0.27 -10.43 -9.80
N ILE B 37 0.21 -11.09 -10.84
CA ILE B 37 -0.67 -11.75 -11.78
C ILE B 37 -0.74 -13.26 -11.56
N GLU B 38 -1.94 -13.82 -11.72
CA GLU B 38 -2.09 -15.28 -11.68
C GLU B 38 -1.38 -15.83 -12.91
N ASP B 39 -0.75 -17.00 -12.73
CA ASP B 39 0.18 -17.66 -13.66
C ASP B 39 1.61 -17.28 -13.26
N SER B 40 1.74 -16.51 -12.18
CA SER B 40 3.05 -16.20 -11.61
C SER B 40 3.48 -17.23 -10.58
N TYR B 41 2.58 -18.17 -10.26
CA TYR B 41 2.89 -19.24 -9.31
C TYR B 41 2.27 -20.58 -9.74
N ARG B 42 1.84 -20.64 -11.00
CA ARG B 42 1.34 -21.88 -11.60
C ARG B 42 2.15 -22.21 -12.85
N LYS B 43 2.47 -23.48 -13.05
CA LYS B 43 3.35 -23.86 -14.15
C LYS B 43 3.17 -25.30 -14.59
N GLN B 44 2.85 -25.47 -15.86
CA GLN B 44 2.68 -26.80 -16.42
C GLN B 44 4.02 -27.32 -16.87
N VAL B 45 4.38 -28.52 -16.41
CA VAL B 45 5.69 -29.09 -16.69
C VAL B 45 5.58 -30.57 -16.99
N VAL B 46 6.61 -31.09 -17.66
CA VAL B 46 6.70 -32.51 -17.92
C VAL B 46 7.85 -33.08 -17.12
N ILE B 47 7.55 -34.06 -16.27
CA ILE B 47 8.52 -34.66 -15.39
C ILE B 47 8.49 -36.17 -15.61
N ASP B 48 9.62 -36.72 -16.06
CA ASP B 48 9.73 -38.14 -16.38
C ASP B 48 8.61 -38.58 -17.33
N GLY B 49 8.33 -37.76 -18.33
CA GLY B 49 7.34 -38.10 -19.33
C GLY B 49 5.91 -37.69 -18.97
N GLU B 50 5.64 -37.50 -17.69
CA GLU B 50 4.28 -37.24 -17.24
C GLU B 50 4.00 -35.76 -17.01
N THR B 51 3.05 -35.21 -17.76
CA THR B 51 2.69 -33.81 -17.65
C THR B 51 1.91 -33.57 -16.36
N CYS B 52 2.25 -32.48 -15.67
CA CYS B 52 1.56 -32.12 -14.45
C CYS B 52 1.56 -30.61 -14.28
N LEU B 53 0.77 -30.15 -13.32
CA LEU B 53 0.63 -28.73 -13.01
C LEU B 53 1.20 -28.41 -11.63
N LEU B 54 2.15 -27.49 -11.57
CA LEU B 54 2.75 -27.11 -10.31
C LEU B 54 2.06 -25.87 -9.72
N ASP B 55 1.57 -25.97 -8.49
CA ASP B 55 1.09 -24.79 -7.80
C ASP B 55 2.03 -24.48 -6.64
N ILE B 56 2.75 -23.37 -6.74
CA ILE B 56 3.78 -23.05 -5.77
C ILE B 56 3.35 -21.94 -4.82
N LEU B 57 3.36 -22.24 -3.53
CA LEU B 57 3.15 -21.22 -2.52
C LEU B 57 4.48 -20.79 -1.93
N ASP B 58 4.85 -19.55 -2.18
CA ASP B 58 6.04 -18.97 -1.59
C ASP B 58 5.65 -17.62 -0.99
N THR B 59 5.53 -17.58 0.32
CA THR B 59 5.13 -16.38 1.03
C THR B 59 6.34 -15.56 1.49
N ALA B 60 7.45 -15.66 0.75
CA ALA B 60 8.66 -14.89 1.04
C ALA B 60 8.31 -13.43 1.37
N GLY B 61 8.88 -12.90 2.43
CA GLY B 61 8.55 -11.56 2.87
C GLY B 61 7.63 -11.54 4.08
N GLN B 62 6.90 -12.65 4.29
CA GLN B 62 5.94 -12.75 5.40
C GLN B 62 6.48 -13.50 6.61
N GLU B 63 7.80 -13.65 6.68
CA GLU B 63 8.43 -14.52 7.71
C GLU B 63 8.12 -14.05 9.14
N GLU B 64 7.95 -12.76 9.33
CA GLU B 64 7.65 -12.24 10.66
C GLU B 64 6.23 -12.64 11.13
N TYR B 65 5.33 -12.98 10.20
CA TYR B 65 4.02 -13.54 10.56
C TYR B 65 4.17 -15.00 10.95
N SER B 66 4.83 -15.27 12.07
CA SER B 66 5.23 -16.63 12.39
C SER B 66 4.04 -17.51 12.79
N ALA B 67 2.97 -16.90 13.29
CA ALA B 67 1.79 -17.66 13.69
C ALA B 67 0.94 -18.08 12.49
N MET B 68 1.28 -17.60 11.29
CA MET B 68 0.59 -18.00 10.07
C MET B 68 1.26 -19.18 9.38
N ARG B 69 2.42 -19.59 9.88
CA ARG B 69 3.15 -20.67 9.22
C ARG B 69 2.35 -21.98 9.08
N ASP B 70 1.71 -22.39 10.16
CA ASP B 70 0.90 -23.60 10.16
C ASP B 70 -0.15 -23.52 9.07
N GLN B 71 -0.84 -22.40 8.98
CA GLN B 71 -1.91 -22.28 8.00
C GLN B 71 -1.37 -22.34 6.57
N TYR B 72 -0.24 -21.71 6.31
CA TYR B 72 0.35 -21.77 4.98
C TYR B 72 0.84 -23.21 4.66
N MET B 73 1.53 -23.83 5.61
CA MET B 73 2.07 -25.18 5.41
C MET B 73 0.99 -26.24 5.19
N ARG B 74 -0.17 -26.04 5.83
CA ARG B 74 -1.26 -27.01 5.79
C ARG B 74 -1.69 -27.29 4.36
N THR B 75 -1.62 -26.27 3.52
CA THR B 75 -2.04 -26.34 2.13
C THR B 75 -1.17 -27.22 1.21
N GLY B 76 -0.02 -27.68 1.69
CA GLY B 76 0.95 -28.32 0.81
C GLY B 76 1.07 -29.83 0.89
N GLU B 77 1.37 -30.47 -0.25
CA GLU B 77 1.65 -31.90 -0.29
C GLU B 77 3.15 -32.17 -0.24
N GLY B 78 3.94 -31.20 -0.72
CA GLY B 78 5.39 -31.31 -0.70
C GLY B 78 6.04 -29.98 -0.36
N PHE B 79 7.22 -30.04 0.24
CA PHE B 79 7.86 -28.86 0.79
C PHE B 79 9.31 -28.72 0.35
N LEU B 80 9.68 -27.50 -0.03
CA LEU B 80 11.06 -27.16 -0.21
C LEU B 80 11.52 -26.39 1.02
N CYS B 81 12.47 -26.96 1.75
CA CYS B 81 13.06 -26.29 2.90
C CYS B 81 14.37 -25.65 2.48
N VAL B 82 14.36 -24.33 2.41
CA VAL B 82 15.43 -23.56 1.78
C VAL B 82 16.29 -22.83 2.81
N PHE B 83 17.60 -22.94 2.66
CA PHE B 83 18.51 -22.13 3.46
C PHE B 83 19.54 -21.51 2.50
N ALA B 84 20.22 -20.46 2.93
CA ALA B 84 21.28 -19.86 2.13
C ALA B 84 22.62 -20.41 2.56
N ILE B 85 23.49 -20.71 1.59
CA ILE B 85 24.72 -21.40 1.92
C ILE B 85 25.73 -20.44 2.53
N ASN B 86 25.44 -19.15 2.49
CA ASN B 86 26.29 -18.17 3.18
C ASN B 86 25.64 -17.65 4.47
N ASN B 87 24.67 -18.38 5.00
CA ASN B 87 24.00 -17.96 6.22
C ASN B 87 23.71 -19.15 7.10
N THR B 88 24.61 -19.37 8.06
CA THR B 88 24.56 -20.52 8.94
C THR B 88 23.27 -20.57 9.75
N LYS B 89 22.78 -19.42 10.18
CA LYS B 89 21.55 -19.38 10.93
C LYS B 89 20.38 -19.96 10.13
N SER B 90 20.28 -19.59 8.85
CA SER B 90 19.20 -20.13 8.01
C SER B 90 19.27 -21.66 7.96
N PHE B 91 20.48 -22.20 7.92
CA PHE B 91 20.73 -23.65 7.94
C PHE B 91 20.29 -24.26 9.28
N GLU B 92 20.65 -23.60 10.38
CA GLU B 92 20.26 -24.04 11.72
C GLU B 92 18.75 -23.99 11.92
N ASP B 93 18.07 -23.10 11.20
CA ASP B 93 16.61 -23.03 11.27
C ASP B 93 15.91 -24.26 10.69
N ILE B 94 16.59 -25.01 9.82
CA ILE B 94 15.93 -26.05 9.02
C ILE B 94 15.21 -27.08 9.91
N HIS B 95 15.89 -27.52 10.96
CA HIS B 95 15.32 -28.53 11.87
C HIS B 95 13.94 -28.15 12.39
N GLN B 96 13.77 -26.91 12.83
CA GLN B 96 12.47 -26.45 13.32
C GLN B 96 11.42 -26.41 12.23
N TYR B 97 11.80 -25.97 11.03
CA TYR B 97 10.89 -26.00 9.89
C TYR B 97 10.39 -27.41 9.60
N ARG B 98 11.29 -28.37 9.58
CA ARG B 98 10.91 -29.75 9.31
C ARG B 98 10.00 -30.28 10.42
N GLU B 99 10.35 -30.03 11.67
CA GLU B 99 9.50 -30.42 12.79
C GLU B 99 8.11 -29.81 12.67
N GLN B 100 8.05 -28.56 12.24
CA GLN B 100 6.79 -27.86 12.14
C GLN B 100 5.92 -28.45 11.03
N ILE B 101 6.55 -28.78 9.91
CA ILE B 101 5.88 -29.42 8.80
C ILE B 101 5.29 -30.79 9.22
N LYS B 102 6.10 -31.61 9.89
CA LYS B 102 5.67 -32.93 10.37
C LYS B 102 4.45 -32.83 11.28
N ARG B 103 4.49 -31.88 12.20
CA ARG B 103 3.39 -31.63 13.11
C ARG B 103 2.12 -31.19 12.35
N VAL B 104 2.24 -30.23 11.45
CA VAL B 104 1.09 -29.74 10.70
C VAL B 104 0.46 -30.81 9.83
N LYS B 105 1.30 -31.64 9.21
CA LYS B 105 0.81 -32.70 8.35
C LYS B 105 0.49 -33.98 9.14
N ASP B 106 0.83 -33.99 10.43
CA ASP B 106 0.66 -35.16 11.30
C ASP B 106 1.27 -36.41 10.66
N SER B 107 2.55 -36.34 10.34
CA SER B 107 3.23 -37.44 9.66
C SER B 107 4.74 -37.35 9.84
N ASP B 108 5.39 -38.50 9.93
CA ASP B 108 6.84 -38.55 10.04
C ASP B 108 7.46 -38.64 8.66
N ASP B 109 6.61 -38.77 7.65
CA ASP B 109 7.06 -39.01 6.29
C ASP B 109 6.41 -38.04 5.30
N VAL B 110 6.82 -36.79 5.36
CA VAL B 110 6.26 -35.78 4.47
C VAL B 110 7.23 -35.58 3.30
N PRO B 111 6.70 -35.57 2.06
CA PRO B 111 7.58 -35.31 0.92
C PRO B 111 8.25 -33.95 1.04
N MET B 112 9.57 -33.95 1.15
CA MET B 112 10.28 -32.69 1.20
C MET B 112 11.70 -32.82 0.66
N VAL B 113 12.24 -31.69 0.21
CA VAL B 113 13.62 -31.61 -0.22
C VAL B 113 14.33 -30.51 0.55
N LEU B 114 15.60 -30.73 0.85
CA LEU B 114 16.43 -29.69 1.42
C LEU B 114 17.10 -28.92 0.28
N VAL B 115 17.06 -27.59 0.33
CA VAL B 115 17.67 -26.80 -0.74
C VAL B 115 18.65 -25.78 -0.19
N GLY B 116 19.92 -25.88 -0.59
CA GLY B 116 20.93 -24.89 -0.27
C GLY B 116 21.05 -23.91 -1.42
N ASN B 117 20.76 -22.65 -1.16
CA ASN B 117 20.66 -21.63 -2.21
C ASN B 117 21.82 -20.64 -2.13
N LYS B 118 22.51 -20.45 -3.25
CA LYS B 118 23.59 -19.46 -3.34
C LYS B 118 23.01 -18.13 -3.83
N CYS B 119 22.83 -17.17 -2.92
CA CYS B 119 22.13 -15.94 -3.29
C CYS B 119 23.06 -14.78 -3.63
N ASP B 120 24.34 -14.91 -3.31
CA ASP B 120 25.32 -13.92 -3.77
C ASP B 120 26.75 -14.46 -3.79
N LEU B 121 27.69 -13.57 -4.02
CA LEU B 121 29.09 -13.96 -4.16
C LEU B 121 29.85 -13.82 -2.85
N ALA B 122 29.12 -13.63 -1.75
CA ALA B 122 29.73 -13.67 -0.42
C ALA B 122 30.25 -15.07 -0.13
N ALA B 123 31.14 -15.17 0.85
CA ALA B 123 31.78 -16.44 1.16
C ALA B 123 30.77 -17.45 1.69
N ARG B 124 30.83 -18.66 1.16
CA ARG B 124 30.02 -19.76 1.68
C ARG B 124 30.40 -20.06 3.12
N THR B 125 29.41 -20.33 3.97
CA THR B 125 29.69 -20.71 5.36
C THR B 125 29.11 -22.07 5.70
N VAL B 126 28.19 -22.57 4.88
CA VAL B 126 27.70 -23.93 5.05
C VAL B 126 28.26 -24.81 3.94
N GLU B 127 29.06 -25.79 4.33
CA GLU B 127 29.64 -26.70 3.33
C GLU B 127 28.59 -27.67 2.82
N SER B 128 28.70 -28.05 1.55
CA SER B 128 27.73 -28.97 0.98
C SER B 128 27.72 -30.32 1.72
N ARG B 129 28.90 -30.75 2.19
CA ARG B 129 28.95 -31.98 2.97
C ARG B 129 28.12 -31.90 4.26
N GLN B 130 28.15 -30.76 4.93
CA GLN B 130 27.30 -30.54 6.11
C GLN B 130 25.83 -30.74 5.78
N ALA B 131 25.41 -30.11 4.69
CA ALA B 131 24.01 -30.14 4.29
C ALA B 131 23.60 -31.54 3.81
N GLN B 132 24.51 -32.21 3.10
CA GLN B 132 24.29 -33.60 2.68
C GLN B 132 24.06 -34.52 3.88
N ASP B 133 24.93 -34.42 4.87
CA ASP B 133 24.79 -35.23 6.08
C ASP B 133 23.44 -35.00 6.75
N LEU B 134 23.04 -33.74 6.84
CA LEU B 134 21.76 -33.39 7.46
C LEU B 134 20.59 -33.98 6.70
N ALA B 135 20.60 -33.81 5.37
CA ALA B 135 19.59 -34.38 4.50
C ALA B 135 19.54 -35.91 4.66
N ARG B 136 20.69 -36.54 4.70
CA ARG B 136 20.75 -37.99 4.87
C ARG B 136 20.15 -38.39 6.22
N SER B 137 20.47 -37.62 7.25
CA SER B 137 19.96 -37.93 8.58
C SER B 137 18.43 -37.83 8.59
N TYR B 138 17.86 -37.01 7.71
CA TYR B 138 16.41 -36.89 7.57
C TYR B 138 15.83 -37.87 6.56
N GLY B 139 16.68 -38.49 5.76
CA GLY B 139 16.21 -39.33 4.66
C GLY B 139 15.55 -38.55 3.53
N ILE B 140 16.11 -37.39 3.18
CA ILE B 140 15.56 -36.60 2.07
C ILE B 140 16.63 -36.14 1.11
N PRO B 141 16.26 -35.79 -0.14
CA PRO B 141 17.26 -35.29 -1.07
C PRO B 141 17.79 -33.90 -0.72
N TYR B 142 19.02 -33.65 -1.12
CA TYR B 142 19.62 -32.34 -1.01
C TYR B 142 19.91 -31.80 -2.41
N ILE B 143 19.45 -30.59 -2.70
CA ILE B 143 19.75 -29.93 -3.97
C ILE B 143 20.37 -28.55 -3.73
N GLU B 144 21.46 -28.25 -4.40
CA GLU B 144 22.02 -26.90 -4.34
C GLU B 144 21.66 -26.15 -5.59
N THR B 145 21.32 -24.89 -5.39
CA THR B 145 20.84 -23.99 -6.44
C THR B 145 21.56 -22.67 -6.43
N SER B 146 21.55 -21.97 -7.56
CA SER B 146 22.06 -20.62 -7.63
C SER B 146 20.91 -19.64 -7.86
N ALA B 147 20.96 -18.48 -7.19
CA ALA B 147 19.88 -17.51 -7.27
C ALA B 147 20.05 -16.57 -8.47
N LYS B 148 21.14 -16.76 -9.21
CA LYS B 148 21.46 -15.86 -10.31
C LYS B 148 21.41 -16.57 -11.65
N THR B 149 21.86 -17.82 -11.70
CA THR B 149 22.14 -18.50 -12.95
C THR B 149 21.10 -19.56 -13.34
N ARG B 150 20.11 -19.75 -12.47
CA ARG B 150 19.06 -20.76 -12.60
C ARG B 150 19.55 -22.22 -12.41
N GLN B 151 20.84 -22.40 -12.17
CA GLN B 151 21.35 -23.73 -11.89
C GLN B 151 20.67 -24.40 -10.70
N GLY B 152 20.22 -25.62 -10.92
CA GLY B 152 19.64 -26.45 -9.88
C GLY B 152 18.16 -26.21 -9.59
N VAL B 153 17.60 -25.15 -10.16
CA VAL B 153 16.23 -24.77 -9.83
C VAL B 153 15.23 -25.84 -10.26
N GLU B 154 15.29 -26.24 -11.52
CA GLU B 154 14.43 -27.31 -12.02
C GLU B 154 14.64 -28.61 -11.24
N ASP B 155 15.88 -28.93 -10.94
CA ASP B 155 16.22 -30.13 -10.19
C ASP B 155 15.53 -30.14 -8.81
N ALA B 156 15.54 -28.98 -8.13
CA ALA B 156 14.91 -28.86 -6.82
C ALA B 156 13.41 -29.20 -6.87
N PHE B 157 12.70 -28.59 -7.80
CA PHE B 157 11.26 -28.80 -7.92
C PHE B 157 10.90 -30.17 -8.48
N TYR B 158 11.63 -30.61 -9.51
CA TYR B 158 11.33 -31.90 -10.11
C TYR B 158 11.61 -33.03 -9.12
N THR B 159 12.69 -32.89 -8.35
CA THR B 159 13.01 -33.89 -7.33
C THR B 159 11.88 -33.96 -6.29
N LEU B 160 11.34 -32.81 -5.89
CA LEU B 160 10.24 -32.85 -4.93
C LEU B 160 9.00 -33.55 -5.49
N VAL B 161 8.68 -33.30 -6.75
CA VAL B 161 7.55 -33.96 -7.40
C VAL B 161 7.78 -35.48 -7.42
N ARG B 162 9.03 -35.90 -7.66
CA ARG B 162 9.34 -37.33 -7.60
C ARG B 162 9.15 -37.88 -6.19
N GLU B 163 9.49 -37.08 -5.18
CA GLU B 163 9.30 -37.50 -3.80
C GLU B 163 7.81 -37.71 -3.49
N ILE B 164 6.97 -36.84 -4.04
CA ILE B 164 5.53 -36.96 -3.86
C ILE B 164 5.02 -38.21 -4.58
N ARG B 165 5.41 -38.36 -5.85
CA ARG B 165 4.98 -39.50 -6.64
C ARG B 165 5.35 -40.84 -6.01
N GLN B 166 6.51 -40.89 -5.36
CA GLN B 166 6.98 -42.12 -4.77
C GLN B 166 6.67 -42.26 -3.30
N HIS B 167 5.85 -41.36 -2.76
CA HIS B 167 5.51 -41.41 -1.35
C HIS B 167 4.68 -42.66 -1.07
N GLN C 2 7.00 24.66 -32.82
CA GLN C 2 7.65 24.05 -31.66
C GLN C 2 8.79 24.94 -31.15
N MET C 3 8.91 25.02 -29.82
CA MET C 3 9.92 25.88 -29.23
C MET C 3 11.32 25.34 -29.43
N ARG C 4 12.25 26.23 -29.72
CA ARG C 4 13.66 25.89 -29.66
C ARG C 4 14.10 25.78 -28.21
N LEU C 5 15.10 24.95 -27.96
CA LEU C 5 15.59 24.69 -26.61
C LEU C 5 16.98 25.23 -26.46
N PRO C 6 17.45 25.40 -25.22
CA PRO C 6 18.87 25.73 -25.07
C PRO C 6 19.74 24.59 -25.59
N SER C 7 20.99 24.88 -25.93
CA SER C 7 21.90 23.86 -26.41
C SER C 7 22.20 22.85 -25.30
N ALA C 8 22.35 21.59 -25.69
CA ALA C 8 22.54 20.53 -24.72
C ALA C 8 23.88 20.67 -24.00
N ASP C 9 24.77 21.48 -24.56
CA ASP C 9 26.07 21.73 -23.95
C ASP C 9 25.96 22.62 -22.71
N VAL C 10 24.97 23.50 -22.69
CA VAL C 10 24.82 24.38 -21.53
C VAL C 10 23.66 23.92 -20.61
N TYR C 11 22.75 23.14 -21.15
CA TYR C 11 21.62 22.65 -20.38
C TYR C 11 21.35 21.20 -20.75
N ARG C 12 21.81 20.29 -19.90
CA ARG C 12 21.81 18.86 -20.18
C ARG C 12 20.43 18.26 -20.45
N PHE C 13 19.38 18.89 -19.92
CA PHE C 13 18.05 18.32 -20.01
C PHE C 13 17.38 18.60 -21.35
N ALA C 14 18.15 19.14 -22.30
CA ALA C 14 17.64 19.39 -23.63
C ALA C 14 18.20 18.42 -24.69
N GLU C 15 19.00 17.43 -24.27
CA GLU C 15 19.37 16.33 -25.16
C GLU C 15 18.12 15.72 -25.79
N PRO C 16 18.18 15.40 -27.08
CA PRO C 16 17.01 14.75 -27.68
C PRO C 16 16.75 13.37 -27.09
N ASP C 17 15.48 13.00 -26.98
CA ASP C 17 15.12 11.63 -26.66
C ASP C 17 15.72 10.70 -27.70
N SER C 18 16.33 9.62 -27.24
CA SER C 18 16.71 8.52 -28.11
C SER C 18 16.64 7.22 -27.33
N GLU C 19 16.68 6.10 -28.03
CA GLU C 19 16.62 4.82 -27.36
C GLU C 19 17.87 4.54 -26.53
N GLU C 20 18.90 5.36 -26.73
CA GLU C 20 20.09 5.29 -25.88
C GLU C 20 19.91 5.99 -24.53
N ASN C 21 18.87 6.81 -24.37
CA ASN C 21 18.65 7.45 -23.07
C ASN C 21 17.25 7.32 -22.50
N ILE C 22 16.28 6.89 -23.31
CA ILE C 22 14.92 6.69 -22.80
C ILE C 22 14.13 5.69 -23.65
N ILE C 23 13.39 4.83 -22.96
CA ILE C 23 12.54 3.85 -23.61
C ILE C 23 11.12 3.89 -23.03
N PHE C 24 10.14 3.95 -23.92
CA PHE C 24 8.75 4.05 -23.49
C PHE C 24 8.07 2.71 -23.58
N GLU C 25 7.06 2.48 -22.74
CA GLU C 25 6.19 1.32 -22.90
C GLU C 25 5.36 1.51 -24.17
N GLU C 26 4.96 0.41 -24.81
CA GLU C 26 4.04 0.50 -25.94
C GLU C 26 2.61 0.74 -25.46
N GLY C 33 -3.31 10.93 -21.55
CA GLY C 33 -2.70 10.61 -22.83
C GLY C 33 -1.21 10.93 -22.83
N ILE C 34 -0.52 10.46 -21.80
CA ILE C 34 0.90 10.73 -21.66
C ILE C 34 1.71 9.43 -21.72
N PRO C 35 2.97 9.51 -22.18
CA PRO C 35 3.79 8.30 -22.30
C PRO C 35 4.09 7.64 -20.96
N ILE C 36 4.29 6.34 -21.01
CA ILE C 36 4.72 5.59 -19.83
C ILE C 36 6.16 5.15 -20.03
N ILE C 37 7.02 5.54 -19.10
CA ILE C 37 8.44 5.29 -19.24
C ILE C 37 8.81 3.90 -18.75
N LYS C 38 9.49 3.15 -19.61
CA LYS C 38 9.97 1.83 -19.24
C LYS C 38 11.36 1.93 -18.61
N ALA C 39 12.21 2.76 -19.18
CA ALA C 39 13.57 2.92 -18.70
C ALA C 39 14.17 4.23 -19.17
N GLY C 40 15.20 4.68 -18.47
CA GLY C 40 15.92 5.86 -18.89
C GLY C 40 17.13 6.18 -18.04
N THR C 41 17.96 7.09 -18.52
CA THR C 41 19.02 7.65 -17.70
C THR C 41 18.38 8.49 -16.59
N VAL C 42 19.12 8.75 -15.51
CA VAL C 42 18.63 9.62 -14.44
C VAL C 42 18.25 11.00 -14.99
N ILE C 43 19.06 11.52 -15.90
CA ILE C 43 18.80 12.82 -16.51
C ILE C 43 17.44 12.84 -17.21
N LYS C 44 17.17 11.79 -17.98
CA LYS C 44 15.90 11.70 -18.69
C LYS C 44 14.72 11.49 -17.75
N LEU C 45 14.92 10.71 -16.69
CA LEU C 45 13.89 10.51 -15.68
C LEU C 45 13.56 11.84 -14.99
N ILE C 46 14.58 12.64 -14.69
CA ILE C 46 14.32 13.90 -14.03
C ILE C 46 13.69 14.92 -15.01
N GLU C 47 14.07 14.88 -16.28
CA GLU C 47 13.43 15.76 -17.25
C GLU C 47 11.92 15.48 -17.30
N ARG C 48 11.57 14.20 -17.34
CA ARG C 48 10.18 13.79 -17.46
C ARG C 48 9.42 13.98 -16.14
N LEU C 49 10.13 13.83 -15.02
CA LEU C 49 9.59 14.16 -13.69
C LEU C 49 9.08 15.61 -13.63
N THR C 50 9.68 16.47 -14.45
CA THR C 50 9.40 17.90 -14.43
C THR C 50 9.08 18.44 -15.82
N TYR C 51 8.39 17.63 -16.62
CA TYR C 51 8.21 17.90 -18.05
C TYR C 51 7.36 19.14 -18.30
N HIS C 52 7.71 19.90 -19.34
CA HIS C 52 7.02 21.17 -19.56
C HIS C 52 5.63 20.97 -20.17
N MET C 53 5.42 19.86 -20.86
CA MET C 53 4.20 19.64 -21.64
C MET C 53 3.00 19.19 -20.83
N TYR C 54 3.25 18.47 -19.74
CA TYR C 54 2.15 17.89 -19.01
C TYR C 54 2.48 17.61 -17.57
N ALA C 55 1.41 17.43 -16.80
CA ALA C 55 1.53 17.11 -15.39
C ALA C 55 1.27 15.64 -15.17
N ASP C 56 2.00 15.06 -14.24
CA ASP C 56 1.74 13.69 -13.82
C ASP C 56 2.15 13.54 -12.37
N PRO C 57 1.32 14.05 -11.45
CA PRO C 57 1.66 14.05 -10.02
C PRO C 57 1.93 12.65 -9.51
N ASN C 58 1.33 11.65 -10.15
CA ASN C 58 1.57 10.29 -9.75
C ASN C 58 2.99 9.84 -10.05
N PHE C 59 3.56 10.36 -11.15
CA PHE C 59 4.96 10.13 -11.47
C PHE C 59 5.85 10.70 -10.34
N VAL C 60 5.50 11.88 -9.85
CA VAL C 60 6.23 12.50 -8.75
C VAL C 60 6.24 11.58 -7.51
N ARG C 61 5.08 11.02 -7.16
CA ARG C 61 5.03 10.11 -6.01
C ARG C 61 5.85 8.85 -6.28
N THR C 62 5.71 8.26 -7.46
CA THR C 62 6.46 7.07 -7.82
C THR C 62 7.97 7.31 -7.71
N PHE C 63 8.41 8.42 -8.29
CA PHE C 63 9.83 8.75 -8.31
C PHE C 63 10.35 8.98 -6.89
N LEU C 64 9.68 9.86 -6.14
CA LEU C 64 10.16 10.16 -4.79
C LEU C 64 10.09 8.95 -3.85
N THR C 65 9.20 8.00 -4.12
CA THR C 65 9.11 6.81 -3.27
C THR C 65 10.29 5.85 -3.51
N THR C 66 10.75 5.79 -4.75
CA THR C 66 11.63 4.71 -5.19
C THR C 66 13.02 5.11 -5.65
N TYR C 67 13.30 6.41 -5.74
CA TYR C 67 14.53 6.84 -6.43
C TYR C 67 15.83 6.42 -5.74
N ARG C 68 15.78 6.13 -4.44
CA ARG C 68 17.01 5.93 -3.69
C ARG C 68 17.77 4.68 -4.14
N SER C 69 17.08 3.77 -4.82
CA SER C 69 17.76 2.62 -5.41
C SER C 69 18.60 2.96 -6.64
N PHE C 70 18.52 4.19 -7.16
CA PHE C 70 19.36 4.53 -8.32
C PHE C 70 19.97 5.93 -8.27
N CYS C 71 19.65 6.68 -7.22
CA CYS C 71 20.17 8.03 -7.10
C CYS C 71 20.22 8.43 -5.62
N LYS C 72 21.33 8.96 -5.16
CA LYS C 72 21.41 9.42 -3.76
C LYS C 72 20.60 10.69 -3.57
N PRO C 73 20.01 10.86 -2.38
CA PRO C 73 19.27 12.09 -2.09
C PRO C 73 20.07 13.37 -2.38
N GLN C 74 21.34 13.43 -1.98
CA GLN C 74 22.17 14.60 -2.29
C GLN C 74 22.27 14.82 -3.80
N GLU C 75 22.39 13.75 -4.56
CA GLU C 75 22.51 13.89 -6.00
C GLU C 75 21.19 14.32 -6.65
N LEU C 76 20.07 13.80 -6.15
CA LEU C 76 18.76 14.22 -6.66
C LEU C 76 18.58 15.72 -6.53
N LEU C 77 18.94 16.28 -5.38
CA LEU C 77 18.77 17.71 -5.16
C LEU C 77 19.64 18.53 -6.12
N SER C 78 20.89 18.10 -6.32
CA SER C 78 21.76 18.78 -7.28
C SER C 78 21.15 18.77 -8.69
N LEU C 79 20.56 17.64 -9.05
CA LEU C 79 20.03 17.47 -10.39
C LEU C 79 18.79 18.33 -10.62
N ILE C 80 17.90 18.43 -9.62
CA ILE C 80 16.70 19.22 -9.85
C ILE C 80 17.02 20.72 -9.77
N ILE C 81 18.05 21.09 -9.00
CA ILE C 81 18.49 22.49 -9.01
C ILE C 81 19.07 22.83 -10.39
N GLU C 82 19.85 21.91 -10.92
CA GLU C 82 20.37 22.04 -12.26
C GLU C 82 19.23 22.16 -13.28
N ARG C 83 18.17 21.36 -13.10
CA ARG C 83 17.00 21.42 -13.97
C ARG C 83 16.31 22.78 -13.90
N PHE C 84 16.26 23.34 -12.70
CA PHE C 84 15.59 24.61 -12.44
C PHE C 84 16.29 25.77 -13.16
N GLU C 85 17.60 25.70 -13.29
CA GLU C 85 18.39 26.83 -13.78
C GLU C 85 18.49 26.82 -15.31
N ILE C 86 17.44 27.34 -15.95
CA ILE C 86 17.28 27.25 -17.40
C ILE C 86 17.74 28.54 -18.07
N PRO C 87 18.65 28.44 -19.05
CA PRO C 87 19.09 29.66 -19.74
C PRO C 87 18.01 30.20 -20.68
N GLU C 88 17.86 31.52 -20.69
CA GLU C 88 16.93 32.18 -21.59
C GLU C 88 17.57 32.41 -22.95
N PRO C 89 16.77 32.33 -24.02
CA PRO C 89 17.36 32.57 -25.35
C PRO C 89 17.73 34.03 -25.56
N GLU C 90 18.67 34.28 -26.47
CA GLU C 90 19.04 35.64 -26.86
C GLU C 90 17.95 36.20 -27.78
N PRO C 91 17.91 37.54 -27.93
CA PRO C 91 16.94 38.15 -28.84
C PRO C 91 17.06 37.62 -30.27
N THR C 92 15.93 37.45 -30.94
CA THR C 92 15.93 36.99 -32.32
C THR C 92 16.22 38.13 -33.29
N GLU C 93 16.33 37.79 -34.58
CA GLU C 93 16.64 38.77 -35.60
C GLU C 93 15.63 39.92 -35.61
N ALA C 94 14.34 39.61 -35.53
CA ALA C 94 13.31 40.66 -35.46
C ALA C 94 13.49 41.55 -34.24
N ASP C 95 13.82 40.93 -33.10
CA ASP C 95 14.12 41.67 -31.88
C ASP C 95 15.34 42.57 -32.06
N ARG C 96 16.39 42.00 -32.65
CA ARG C 96 17.64 42.71 -32.91
C ARG C 96 17.37 43.97 -33.73
N ILE C 97 16.60 43.82 -34.80
CA ILE C 97 16.29 44.94 -35.67
C ILE C 97 15.50 46.02 -34.94
N ALA C 98 14.51 45.61 -34.15
CA ALA C 98 13.76 46.55 -33.33
C ALA C 98 14.70 47.33 -32.40
N ILE C 99 15.56 46.62 -31.68
CA ILE C 99 16.47 47.26 -30.74
C ILE C 99 17.40 48.27 -31.46
N GLU C 100 17.89 47.88 -32.63
CA GLU C 100 18.77 48.74 -33.40
C GLU C 100 18.10 50.03 -33.86
N ASN C 101 16.78 50.04 -33.85
CA ASN C 101 16.03 51.21 -34.27
C ASN C 101 15.44 51.95 -33.08
N GLY C 102 15.89 51.58 -31.88
CA GLY C 102 15.43 52.23 -30.67
C GLY C 102 14.00 51.91 -30.27
N ASP C 103 13.46 50.80 -30.76
CA ASP C 103 12.11 50.39 -30.38
C ASP C 103 12.16 49.26 -29.36
N GLN C 104 11.04 49.02 -28.70
CA GLN C 104 10.96 47.89 -27.79
C GLN C 104 10.70 46.64 -28.64
N PRO C 105 11.54 45.62 -28.47
CA PRO C 105 11.35 44.35 -29.18
C PRO C 105 10.06 43.65 -28.77
N LEU C 106 9.46 42.90 -29.68
CA LEU C 106 8.28 42.10 -29.33
C LEU C 106 8.68 40.94 -28.41
N SER C 107 9.92 40.46 -28.57
CA SER C 107 10.43 39.31 -27.82
C SER C 107 9.44 38.15 -27.77
N ALA C 108 8.75 37.88 -28.88
CA ALA C 108 7.70 36.87 -28.89
C ALA C 108 8.22 35.49 -28.49
N GLU C 109 9.37 35.11 -29.01
CA GLU C 109 9.94 33.79 -28.75
C GLU C 109 10.44 33.65 -27.31
N LEU C 110 11.08 34.70 -26.80
CA LEU C 110 11.51 34.71 -25.40
C LEU C 110 10.30 34.58 -24.47
N LYS C 111 9.26 35.35 -24.76
CA LYS C 111 8.08 35.34 -23.92
C LYS C 111 7.39 33.97 -23.94
N ARG C 112 7.32 33.37 -25.12
CA ARG C 112 6.74 32.04 -25.23
C ARG C 112 7.56 31.01 -24.46
N PHE C 113 8.87 31.06 -24.61
CA PHE C 113 9.75 30.11 -23.91
C PHE C 113 9.61 30.25 -22.38
N ARG C 114 9.53 31.48 -21.89
CA ARG C 114 9.28 31.71 -20.47
C ARG C 114 7.94 31.13 -20.02
N LYS C 115 6.91 31.38 -20.82
CA LYS C 115 5.55 30.99 -20.47
C LYS C 115 5.32 29.48 -20.57
N GLU C 116 5.87 28.86 -21.60
CA GLU C 116 5.54 27.46 -21.89
C GLU C 116 6.64 26.46 -21.56
N TYR C 117 7.87 26.92 -21.34
CA TYR C 117 8.94 26.02 -20.95
C TYR C 117 9.44 26.32 -19.55
N ILE C 118 9.99 27.52 -19.34
CA ILE C 118 10.66 27.82 -18.08
C ILE C 118 9.73 27.79 -16.86
N GLN C 119 8.61 28.50 -16.94
CA GLN C 119 7.72 28.57 -15.79
C GLN C 119 7.09 27.20 -15.43
N PRO C 120 6.62 26.43 -16.43
CA PRO C 120 6.16 25.09 -16.08
C PRO C 120 7.25 24.18 -15.51
N VAL C 121 8.43 24.17 -16.11
CA VAL C 121 9.48 23.31 -15.59
C VAL C 121 9.90 23.73 -14.17
N GLN C 122 10.05 25.03 -13.94
CA GLN C 122 10.46 25.51 -12.62
C GLN C 122 9.37 25.23 -11.59
N LEU C 123 8.10 25.43 -11.96
CA LEU C 123 7.01 25.13 -11.03
C LEU C 123 7.01 23.65 -10.70
N ARG C 124 7.35 22.81 -11.68
CA ARG C 124 7.33 21.38 -11.45
C ARG C 124 8.52 20.89 -10.63
N VAL C 125 9.66 21.57 -10.77
CA VAL C 125 10.76 21.35 -9.83
C VAL C 125 10.32 21.70 -8.41
N LEU C 126 9.65 22.83 -8.26
CA LEU C 126 9.18 23.26 -6.95
C LEU C 126 8.15 22.27 -6.40
N ASN C 127 7.33 21.69 -7.28
CA ASN C 127 6.38 20.69 -6.83
C ASN C 127 7.07 19.41 -6.36
N VAL C 128 8.18 19.04 -7.00
CA VAL C 128 8.99 17.92 -6.51
C VAL C 128 9.52 18.25 -5.11
N CYS C 129 10.05 19.46 -4.92
CA CYS C 129 10.55 19.85 -3.59
C CYS C 129 9.44 19.80 -2.54
N ARG C 130 8.27 20.33 -2.90
CA ARG C 130 7.10 20.31 -2.03
C ARG C 130 6.70 18.89 -1.61
N HIS C 131 6.54 17.99 -2.59
CA HIS C 131 6.18 16.61 -2.31
C HIS C 131 7.26 15.90 -1.50
N TRP C 132 8.50 16.23 -1.82
CA TRP C 132 9.66 15.62 -1.18
C TRP C 132 9.60 15.95 0.32
N VAL C 133 9.44 17.23 0.62
CA VAL C 133 9.37 17.70 1.99
C VAL C 133 8.11 17.22 2.71
N GLU C 134 6.96 17.29 2.05
CA GLU C 134 5.71 16.92 2.70
C GLU C 134 5.55 15.41 2.92
N HIS C 135 6.05 14.60 2.02
CA HIS C 135 5.71 13.19 2.05
C HIS C 135 6.90 12.23 2.16
N HIS C 136 8.11 12.76 2.08
CA HIS C 136 9.31 11.93 2.13
C HIS C 136 10.35 12.61 2.95
N PHE C 137 9.89 13.23 4.04
CA PHE C 137 10.71 14.10 4.86
C PHE C 137 11.83 13.34 5.55
N TYR C 138 11.77 12.01 5.56
CA TYR C 138 12.79 11.25 6.26
C TYR C 138 14.19 11.40 5.67
N ASP C 139 14.29 11.70 4.38
CA ASP C 139 15.59 12.01 3.76
C ASP C 139 16.25 13.16 4.50
N PHE C 140 15.43 14.12 4.88
CA PHE C 140 15.89 15.31 5.56
C PHE C 140 16.08 15.04 7.05
N GLU C 141 15.18 14.25 7.65
CA GLU C 141 15.33 13.83 9.04
C GLU C 141 16.65 13.11 9.27
N ARG C 142 17.07 12.32 8.28
CA ARG C 142 18.28 11.49 8.42
C ARG C 142 19.55 12.16 7.90
N ASP C 143 19.41 13.35 7.34
CA ASP C 143 20.54 14.08 6.77
C ASP C 143 20.28 15.59 6.86
N ALA C 144 20.75 16.20 7.94
CA ALA C 144 20.50 17.61 8.21
C ALA C 144 21.08 18.53 7.14
N TYR C 145 22.21 18.17 6.55
CA TYR C 145 22.84 18.97 5.52
C TYR C 145 22.01 19.02 4.21
N LEU C 146 21.37 17.90 3.87
CA LEU C 146 20.45 17.88 2.74
C LEU C 146 19.35 18.90 2.96
N LEU C 147 18.84 18.95 4.19
CA LEU C 147 17.80 19.90 4.53
C LEU C 147 18.31 21.34 4.42
N GLN C 148 19.53 21.59 4.87
CA GLN C 148 20.12 22.92 4.75
C GLN C 148 20.20 23.34 3.29
N ARG C 149 20.63 22.42 2.43
CA ARG C 149 20.70 22.70 1.01
C ARG C 149 19.30 23.03 0.43
N MET C 150 18.28 22.29 0.86
CA MET C 150 16.94 22.55 0.35
C MET C 150 16.44 23.92 0.79
N GLU C 151 16.60 24.24 2.07
CA GLU C 151 16.23 25.55 2.61
C GLU C 151 16.92 26.69 1.89
N GLU C 152 18.20 26.53 1.60
CA GLU C 152 18.98 27.53 0.88
C GLU C 152 18.48 27.72 -0.53
N PHE C 153 18.28 26.61 -1.24
CA PHE C 153 17.77 26.65 -2.59
C PHE C 153 16.42 27.39 -2.65
N ILE C 154 15.45 26.91 -1.88
CA ILE C 154 14.12 27.51 -1.88
C ILE C 154 14.20 28.97 -1.43
N GLY C 155 14.96 29.20 -0.37
CA GLY C 155 15.09 30.52 0.23
C GLY C 155 15.73 31.57 -0.65
N THR C 156 16.39 31.15 -1.73
CA THR C 156 17.06 32.09 -2.62
C THR C 156 16.51 32.09 -4.06
N VAL C 157 15.38 31.42 -4.30
CA VAL C 157 14.72 31.54 -5.60
C VAL C 157 14.14 32.96 -5.74
N ARG C 158 14.50 33.64 -6.81
CA ARG C 158 14.03 35.02 -6.98
C ARG C 158 12.99 35.10 -8.08
N GLY C 159 12.28 36.21 -8.15
CA GLY C 159 11.31 36.36 -9.22
C GLY C 159 9.90 36.26 -8.71
N LYS C 160 9.04 37.11 -9.25
CA LYS C 160 7.68 37.23 -8.75
C LYS C 160 6.85 36.00 -9.12
N ALA C 161 7.20 35.35 -10.23
CA ALA C 161 6.41 34.21 -10.74
C ALA C 161 6.38 33.03 -9.78
N MET C 162 7.51 32.70 -9.17
CA MET C 162 7.61 31.56 -8.24
C MET C 162 7.33 31.96 -6.79
N LYS C 163 7.26 33.26 -6.54
CA LYS C 163 7.23 33.78 -5.17
C LYS C 163 6.21 33.13 -4.22
N LYS C 164 4.97 32.96 -4.66
CA LYS C 164 3.94 32.39 -3.79
C LYS C 164 4.33 30.99 -3.29
N TRP C 165 4.87 30.18 -4.19
CA TRP C 165 5.19 28.82 -3.81
C TRP C 165 6.49 28.72 -3.04
N VAL C 166 7.42 29.62 -3.33
CA VAL C 166 8.68 29.64 -2.61
C VAL C 166 8.44 29.99 -1.14
N GLU C 167 7.60 30.99 -0.90
CA GLU C 167 7.30 31.39 0.47
C GLU C 167 6.50 30.32 1.19
N SER C 168 5.61 29.67 0.44
CA SER C 168 4.82 28.57 0.99
C SER C 168 5.72 27.40 1.37
N ILE C 169 6.58 26.97 0.46
CA ILE C 169 7.44 25.83 0.72
C ILE C 169 8.42 26.10 1.88
N THR C 170 8.90 27.34 2.00
CA THR C 170 9.71 27.72 3.14
C THR C 170 8.96 27.49 4.46
N LYS C 171 7.69 27.90 4.50
CA LYS C 171 6.88 27.71 5.70
C LYS C 171 6.59 26.24 5.96
N ILE C 172 6.37 25.49 4.89
CA ILE C 172 6.05 24.08 5.03
C ILE C 172 7.24 23.35 5.63
N ILE C 173 8.45 23.66 5.15
CA ILE C 173 9.66 23.07 5.71
C ILE C 173 9.79 23.38 7.21
N GLN C 174 9.57 24.64 7.60
CA GLN C 174 9.71 25.01 9.01
C GLN C 174 8.69 24.26 9.89
N ARG C 175 7.46 24.15 9.39
CA ARG C 175 6.41 23.38 10.06
C ARG C 175 6.80 21.93 10.25
N LYS C 176 7.33 21.33 9.18
CA LYS C 176 7.71 19.92 9.21
C LYS C 176 8.85 19.67 10.20
N LYS C 177 9.68 20.67 10.42
CA LYS C 177 10.81 20.53 11.34
C LYS C 177 10.37 20.44 12.80
N ILE C 178 9.26 21.08 13.16
CA ILE C 178 8.83 21.06 14.56
C ILE C 178 7.63 20.13 14.78
N ALA C 179 7.36 19.29 13.79
CA ALA C 179 6.25 18.34 13.87
C ALA C 179 6.75 16.97 14.29
N ASN C 187 -6.93 15.64 14.00
CA ASN C 187 -8.25 16.24 13.94
C ASN C 187 -9.10 15.58 12.86
N ILE C 188 -10.16 14.91 13.28
CA ILE C 188 -11.04 14.19 12.39
C ILE C 188 -12.49 14.58 12.50
N THR C 189 -13.17 14.71 11.38
CA THR C 189 -14.55 15.06 11.32
C THR C 189 -15.40 13.97 10.70
N PHE C 190 -16.50 13.70 11.32
CA PHE C 190 -17.50 12.75 10.90
C PHE C 190 -18.78 13.57 11.12
N GLN C 191 -19.89 13.36 10.44
CA GLN C 191 -20.38 12.32 9.50
C GLN C 191 -21.28 11.31 10.27
N SER C 192 -21.43 11.58 11.55
CA SER C 192 -22.26 10.85 12.48
C SER C 192 -21.43 10.53 13.69
N SER C 193 -22.04 10.38 14.83
CA SER C 193 -21.26 10.07 16.02
C SER C 193 -20.98 8.57 16.07
N PRO C 194 -19.89 8.16 16.74
CA PRO C 194 -19.57 6.73 16.89
C PRO C 194 -20.58 6.02 17.80
N PRO C 195 -20.78 4.72 17.57
CA PRO C 195 -21.73 4.03 18.44
C PRO C 195 -21.25 3.97 19.88
N THR C 196 -22.18 3.75 20.80
CA THR C 196 -21.88 3.61 22.22
C THR C 196 -21.00 2.39 22.49
N VAL C 197 -20.00 2.56 23.37
CA VAL C 197 -19.15 1.46 23.81
C VAL C 197 -19.99 0.40 24.52
N GLU C 198 -19.77 -0.87 24.15
CA GLU C 198 -20.54 -1.97 24.74
C GLU C 198 -19.77 -2.69 25.85
N TRP C 199 -20.47 -2.99 26.95
CA TRP C 199 -19.90 -3.68 28.09
C TRP C 199 -20.66 -4.97 28.41
N HIS C 200 -19.93 -5.95 28.92
CA HIS C 200 -20.48 -7.28 29.21
C HIS C 200 -20.26 -7.55 30.72
N ILE C 201 -19.51 -8.61 31.05
CA ILE C 201 -19.29 -8.96 32.46
C ILE C 201 -18.34 -7.97 33.14
N SER C 202 -17.19 -7.70 32.52
CA SER C 202 -16.29 -6.66 33.01
C SER C 202 -16.95 -5.30 32.86
N ARG C 203 -16.96 -4.51 33.92
CA ARG C 203 -17.58 -3.20 33.90
C ARG C 203 -16.49 -2.14 33.73
N PRO C 204 -16.86 -0.92 33.32
CA PRO C 204 -15.88 0.14 33.08
C PRO C 204 -14.93 0.34 34.25
N GLY C 205 -13.64 0.41 33.97
CA GLY C 205 -12.64 0.64 34.99
C GLY C 205 -12.09 -0.61 35.65
N HIS C 206 -12.75 -1.74 35.46
CA HIS C 206 -12.34 -2.96 36.15
C HIS C 206 -11.38 -3.79 35.31
N ILE C 207 -10.21 -3.21 35.04
CA ILE C 207 -9.27 -3.78 34.09
C ILE C 207 -8.73 -5.14 34.51
N GLU C 208 -8.72 -5.39 35.82
CA GLU C 208 -8.28 -6.66 36.39
C GLU C 208 -9.10 -7.85 35.91
N THR C 209 -10.35 -7.60 35.54
CA THR C 209 -11.27 -8.68 35.18
C THR C 209 -11.33 -8.90 33.66
N PHE C 210 -10.79 -7.94 32.91
CA PHE C 210 -10.78 -8.02 31.44
C PHE C 210 -10.20 -9.33 30.98
N ASP C 211 -10.86 -9.95 30.00
CA ASP C 211 -10.43 -11.22 29.45
C ASP C 211 -11.29 -11.51 28.22
N LEU C 212 -10.96 -12.57 27.49
CA LEU C 212 -11.66 -12.91 26.26
C LEU C 212 -13.18 -12.99 26.43
N LEU C 213 -13.62 -13.63 27.51
CA LEU C 213 -15.05 -13.89 27.70
C LEU C 213 -15.76 -12.82 28.51
N THR C 214 -15.02 -11.97 29.22
CA THR C 214 -15.64 -11.02 30.13
C THR C 214 -15.85 -9.64 29.49
N LEU C 215 -14.99 -9.29 28.53
CA LEU C 215 -15.25 -8.12 27.68
C LEU C 215 -16.35 -8.47 26.68
N HIS C 216 -17.04 -7.44 26.18
CA HIS C 216 -18.06 -7.66 25.16
C HIS C 216 -17.37 -7.99 23.85
N PRO C 217 -17.79 -9.07 23.18
CA PRO C 217 -17.14 -9.47 21.94
C PRO C 217 -17.21 -8.38 20.87
N ILE C 218 -18.29 -7.60 20.88
CA ILE C 218 -18.40 -6.47 19.95
C ILE C 218 -17.29 -5.46 20.21
N GLU C 219 -17.08 -5.12 21.48
CA GLU C 219 -16.12 -4.11 21.86
C GLU C 219 -14.70 -4.63 21.72
N ILE C 220 -14.50 -5.93 21.90
CA ILE C 220 -13.19 -6.52 21.63
C ILE C 220 -12.81 -6.29 20.15
N ALA C 221 -13.74 -6.61 19.25
CA ALA C 221 -13.49 -6.45 17.83
C ALA C 221 -13.26 -4.98 17.44
N ARG C 222 -14.05 -4.08 18.02
CA ARG C 222 -13.92 -2.65 17.74
C ARG C 222 -12.55 -2.10 18.19
N GLN C 223 -12.17 -2.40 19.42
CA GLN C 223 -10.95 -1.83 19.98
C GLN C 223 -9.74 -2.42 19.29
N LEU C 224 -9.80 -3.71 18.96
CA LEU C 224 -8.73 -4.32 18.18
C LEU C 224 -8.68 -3.73 16.77
N THR C 225 -9.84 -3.37 16.23
CA THR C 225 -9.85 -2.78 14.89
C THR C 225 -9.24 -1.38 14.91
N LEU C 226 -9.55 -0.60 15.94
CA LEU C 226 -8.93 0.73 16.09
C LEU C 226 -7.42 0.60 16.25
N LEU C 227 -6.99 -0.36 17.07
CA LEU C 227 -5.57 -0.59 17.30
C LEU C 227 -4.88 -1.03 16.01
N GLU C 228 -5.49 -2.00 15.32
CA GLU C 228 -4.90 -2.56 14.11
C GLU C 228 -4.94 -1.58 12.93
N SER C 229 -5.96 -0.71 12.93
CA SER C 229 -6.04 0.38 11.95
C SER C 229 -4.92 1.40 12.18
N ASP C 230 -4.72 1.83 13.43
CA ASP C 230 -3.61 2.73 13.73
C ASP C 230 -2.25 2.13 13.35
N LEU C 231 -2.04 0.86 13.67
CA LEU C 231 -0.79 0.18 13.31
C LEU C 231 -0.60 0.12 11.78
N TYR C 232 -1.68 -0.21 11.06
CA TYR C 232 -1.67 -0.21 9.60
C TYR C 232 -1.34 1.18 9.02
N ARG C 233 -2.00 2.19 9.56
CA ARG C 233 -1.88 3.55 9.04
C ARG C 233 -0.51 4.16 9.32
N ALA C 234 0.23 3.60 10.28
CA ALA C 234 1.53 4.15 10.66
C ALA C 234 2.67 3.69 9.75
N VAL C 235 2.44 2.69 8.90
CA VAL C 235 3.55 2.15 8.10
C VAL C 235 3.86 3.08 6.91
N GLN C 236 5.11 3.53 6.83
CA GLN C 236 5.60 4.38 5.76
C GLN C 236 6.27 3.58 4.64
N PRO C 237 6.21 4.09 3.40
CA PRO C 237 6.91 3.46 2.27
C PRO C 237 8.41 3.26 2.50
N SER C 238 9.05 4.16 3.25
CA SER C 238 10.46 3.99 3.61
C SER C 238 10.75 2.67 4.34
N GLU C 239 9.72 2.11 4.97
CA GLU C 239 9.88 0.81 5.66
C GLU C 239 9.80 -0.38 4.71
N LEU C 240 9.44 -0.11 3.47
CA LEU C 240 9.11 -1.15 2.50
C LEU C 240 10.05 -1.19 1.28
N VAL C 241 10.36 -0.03 0.70
CA VAL C 241 11.18 -0.01 -0.51
C VAL C 241 12.58 -0.59 -0.21
N GLY C 242 13.14 -1.32 -1.17
CA GLY C 242 14.40 -2.00 -0.96
C GLY C 242 14.29 -3.24 -0.08
N SER C 243 13.06 -3.65 0.24
CA SER C 243 12.81 -4.86 1.03
C SER C 243 13.48 -4.83 2.41
N VAL C 244 13.60 -3.64 2.98
CA VAL C 244 14.42 -3.46 4.17
C VAL C 244 13.90 -4.14 5.43
N TRP C 245 12.61 -4.52 5.45
CA TRP C 245 12.03 -5.22 6.60
C TRP C 245 12.48 -6.70 6.74
N THR C 246 13.13 -7.17 5.66
CA THR C 246 13.68 -8.52 5.60
C THR C 246 15.20 -8.55 5.88
N LYS C 247 15.82 -7.38 5.95
CA LYS C 247 17.29 -7.32 6.07
C LYS C 247 17.76 -7.14 7.52
N GLU C 248 19.09 -7.17 7.71
CA GLU C 248 19.73 -7.13 9.03
C GLU C 248 19.27 -5.99 9.94
N ASP C 249 19.05 -4.84 9.33
CA ASP C 249 18.68 -3.63 10.05
C ASP C 249 17.17 -3.36 10.04
N LYS C 250 16.37 -4.41 9.89
CA LYS C 250 14.92 -4.26 9.83
C LYS C 250 14.31 -3.53 11.04
N GLU C 251 14.86 -3.73 12.24
CA GLU C 251 14.32 -3.05 13.43
C GLU C 251 14.57 -1.55 13.36
N ILE C 252 15.60 -1.17 12.62
CA ILE C 252 15.93 0.24 12.47
C ILE C 252 15.07 0.86 11.38
N ASN C 253 14.96 0.17 10.25
CA ASN C 253 14.31 0.71 9.07
C ASN C 253 12.81 0.44 8.97
N SER C 254 12.32 -0.60 9.65
CA SER C 254 10.90 -0.93 9.52
C SER C 254 10.17 -1.08 10.87
N PRO C 255 10.37 -0.13 11.81
CA PRO C 255 9.84 -0.39 13.15
C PRO C 255 8.32 -0.40 13.23
N ASN C 256 7.64 0.43 12.45
CA ASN C 256 6.18 0.42 12.44
C ASN C 256 5.57 -0.84 11.81
N LEU C 257 6.11 -1.25 10.66
CA LEU C 257 5.70 -2.51 10.07
C LEU C 257 5.86 -3.68 11.05
N LEU C 258 7.03 -3.78 11.67
CA LEU C 258 7.29 -4.88 12.58
C LEU C 258 6.39 -4.82 13.83
N LYS C 259 6.13 -3.62 14.36
CA LYS C 259 5.18 -3.51 15.48
C LYS C 259 3.79 -4.02 15.08
N MET C 260 3.36 -3.66 13.87
CA MET C 260 2.07 -4.10 13.35
C MET C 260 2.04 -5.63 13.25
N ILE C 261 3.06 -6.23 12.65
CA ILE C 261 3.09 -7.70 12.49
C ILE C 261 3.14 -8.42 13.84
N ARG C 262 3.93 -7.89 14.76
CA ARG C 262 4.02 -8.51 16.07
C ARG C 262 2.70 -8.44 16.84
N HIS C 263 1.92 -7.38 16.65
CA HIS C 263 0.59 -7.35 17.25
C HIS C 263 -0.26 -8.50 16.72
N THR C 264 -0.27 -8.63 15.40
CA THR C 264 -1.04 -9.67 14.72
C THR C 264 -0.66 -11.07 15.25
N THR C 265 0.65 -11.31 15.32
CA THR C 265 1.18 -12.58 15.80
C THR C 265 0.78 -12.84 17.25
N ASN C 266 0.93 -11.85 18.12
CA ASN C 266 0.54 -11.99 19.51
C ASN C 266 -0.96 -12.25 19.70
N LEU C 267 -1.80 -11.60 18.91
CA LEU C 267 -3.24 -11.82 19.02
C LEU C 267 -3.56 -13.24 18.58
N THR C 268 -2.99 -13.68 17.47
CA THR C 268 -3.21 -15.04 17.00
C THR C 268 -2.79 -16.04 18.09
N LEU C 269 -1.63 -15.83 18.70
CA LEU C 269 -1.14 -16.74 19.74
C LEU C 269 -2.01 -16.69 21.00
N TRP C 270 -2.54 -15.51 21.32
CA TRP C 270 -3.46 -15.37 22.44
C TRP C 270 -4.75 -16.17 22.26
N PHE C 271 -5.31 -16.12 21.06
CA PHE C 271 -6.50 -16.91 20.74
C PHE C 271 -6.18 -18.40 20.92
N GLU C 272 -5.04 -18.85 20.41
CA GLU C 272 -4.65 -20.27 20.55
C GLU C 272 -4.49 -20.66 22.03
N LYS C 273 -3.83 -19.79 22.78
CA LYS C 273 -3.63 -19.98 24.21
C LYS C 273 -4.97 -20.04 24.99
N CYS C 274 -5.86 -19.08 24.74
CA CYS C 274 -7.18 -19.09 25.36
C CYS C 274 -7.91 -20.42 25.10
N ILE C 275 -7.81 -20.92 23.88
CA ILE C 275 -8.46 -22.17 23.51
C ILE C 275 -7.84 -23.40 24.20
N VAL C 276 -6.54 -23.64 24.05
CA VAL C 276 -5.97 -24.89 24.59
C VAL C 276 -5.75 -24.87 26.10
N GLU C 277 -5.78 -23.70 26.73
CA GLU C 277 -5.70 -23.66 28.19
C GLU C 277 -7.07 -23.78 28.82
N THR C 278 -8.10 -23.87 27.98
CA THR C 278 -9.44 -24.17 28.47
C THR C 278 -9.65 -25.67 28.29
N GLU C 279 -9.39 -26.44 29.34
CA GLU C 279 -9.34 -27.90 29.25
C GLU C 279 -10.72 -28.55 29.19
N ASN C 280 -11.69 -27.96 29.88
CA ASN C 280 -13.05 -28.46 29.84
C ASN C 280 -13.67 -28.25 28.45
N LEU C 281 -14.18 -29.32 27.84
CA LEU C 281 -14.70 -29.28 26.48
C LEU C 281 -15.81 -28.26 26.28
N GLU C 282 -16.78 -28.27 27.18
CA GLU C 282 -17.90 -27.35 27.09
C GLU C 282 -17.45 -25.88 27.14
N GLU C 283 -16.58 -25.55 28.10
CA GLU C 283 -16.05 -24.19 28.22
C GLU C 283 -15.23 -23.82 26.99
N ARG C 284 -14.46 -24.79 26.46
CA ARG C 284 -13.61 -24.55 25.31
C ARG C 284 -14.45 -24.26 24.07
N VAL C 285 -15.57 -24.96 23.94
CA VAL C 285 -16.52 -24.68 22.86
C VAL C 285 -17.02 -23.23 22.95
N ALA C 286 -17.32 -22.78 24.17
CA ALA C 286 -17.75 -21.40 24.38
C ALA C 286 -16.65 -20.40 23.98
N VAL C 287 -15.40 -20.72 24.29
CA VAL C 287 -14.26 -19.89 23.93
C VAL C 287 -14.10 -19.78 22.40
N VAL C 288 -14.13 -20.92 21.71
CA VAL C 288 -14.00 -20.94 20.27
C VAL C 288 -15.18 -20.19 19.63
N SER C 289 -16.38 -20.44 20.14
CA SER C 289 -17.56 -19.79 19.60
C SER C 289 -17.47 -18.27 19.80
N ARG C 290 -16.93 -17.82 20.92
CA ARG C 290 -16.76 -16.38 21.13
C ARG C 290 -15.74 -15.77 20.17
N ILE C 291 -14.69 -16.52 19.86
CA ILE C 291 -13.67 -16.07 18.92
C ILE C 291 -14.25 -15.92 17.50
N ILE C 292 -15.12 -16.84 17.11
CA ILE C 292 -15.77 -16.77 15.80
C ILE C 292 -16.76 -15.60 15.74
N GLU C 293 -17.40 -15.30 16.86
CA GLU C 293 -18.22 -14.10 16.96
C GLU C 293 -17.37 -12.82 16.73
N ILE C 294 -16.18 -12.76 17.33
CA ILE C 294 -15.28 -11.62 17.14
C ILE C 294 -14.87 -11.54 15.67
N LEU C 295 -14.65 -12.69 15.05
CA LEU C 295 -14.35 -12.75 13.61
C LEU C 295 -15.49 -12.11 12.80
N GLN C 296 -16.73 -12.48 13.14
CA GLN C 296 -17.90 -11.93 12.46
C GLN C 296 -17.93 -10.40 12.53
N VAL C 297 -17.61 -9.83 13.70
CA VAL C 297 -17.57 -8.37 13.82
C VAL C 297 -16.37 -7.75 13.05
N PHE C 298 -15.21 -8.43 13.06
CA PHE C 298 -14.09 -8.04 12.20
C PHE C 298 -14.54 -7.95 10.72
N GLN C 299 -15.28 -8.96 10.27
CA GLN C 299 -15.79 -8.98 8.89
C GLN C 299 -16.71 -7.78 8.65
N GLU C 300 -17.58 -7.49 9.61
CA GLU C 300 -18.51 -6.36 9.47
C GLU C 300 -17.76 -5.03 9.40
N LEU C 301 -16.65 -4.95 10.13
CA LEU C 301 -15.84 -3.73 10.15
C LEU C 301 -14.80 -3.66 9.02
N ASN C 302 -14.81 -4.64 8.11
CA ASN C 302 -13.79 -4.77 7.07
C ASN C 302 -12.38 -4.80 7.65
N ASN C 303 -12.22 -5.35 8.85
CA ASN C 303 -10.88 -5.54 9.39
C ASN C 303 -10.36 -6.88 8.93
N PHE C 304 -9.72 -6.90 7.76
CA PHE C 304 -9.23 -8.14 7.20
C PHE C 304 -8.01 -8.67 7.94
N ASN C 305 -7.19 -7.78 8.50
CA ASN C 305 -6.11 -8.27 9.37
C ASN C 305 -6.67 -9.06 10.55
N GLY C 306 -7.71 -8.52 11.18
CA GLY C 306 -8.36 -9.19 12.30
C GLY C 306 -8.97 -10.52 11.90
N VAL C 307 -9.67 -10.55 10.76
CA VAL C 307 -10.20 -11.79 10.21
C VAL C 307 -9.11 -12.86 10.08
N LEU C 308 -7.99 -12.51 9.46
CA LEU C 308 -6.95 -13.51 9.22
C LEU C 308 -6.22 -13.91 10.51
N GLU C 309 -6.17 -13.01 11.49
CA GLU C 309 -5.69 -13.32 12.84
C GLU C 309 -6.43 -14.50 13.44
N VAL C 310 -7.74 -14.48 13.29
CA VAL C 310 -8.59 -15.53 13.82
C VAL C 310 -8.42 -16.79 13.00
N VAL C 311 -8.54 -16.67 11.69
CA VAL C 311 -8.36 -17.82 10.81
C VAL C 311 -7.00 -18.52 11.04
N SER C 312 -5.93 -17.75 11.12
CA SER C 312 -4.61 -18.31 11.42
C SER C 312 -4.60 -19.11 12.72
N ALA C 313 -5.25 -18.58 13.75
CA ALA C 313 -5.34 -19.29 15.03
C ALA C 313 -6.11 -20.60 14.88
N MET C 314 -7.23 -20.59 14.16
CA MET C 314 -8.05 -21.79 14.03
C MET C 314 -7.40 -22.86 13.13
N ASN C 315 -6.51 -22.45 12.24
CA ASN C 315 -5.79 -23.39 11.38
C ASN C 315 -4.41 -23.79 11.93
N SER C 316 -4.08 -23.28 13.10
CA SER C 316 -2.81 -23.64 13.72
C SER C 316 -2.82 -25.11 14.18
N SER C 317 -1.63 -25.70 14.28
CA SER C 317 -1.49 -27.09 14.71
C SER C 317 -2.20 -27.41 16.03
N PRO C 318 -2.02 -26.58 17.07
CA PRO C 318 -2.65 -26.90 18.34
C PRO C 318 -4.17 -26.88 18.27
N VAL C 319 -4.74 -26.03 17.43
CA VAL C 319 -6.19 -25.84 17.45
C VAL C 319 -6.91 -26.67 16.40
N TYR C 320 -6.37 -26.72 15.19
CA TYR C 320 -7.00 -27.38 14.05
C TYR C 320 -7.43 -28.82 14.38
N ARG C 321 -6.62 -29.50 15.16
CA ARG C 321 -6.75 -30.92 15.42
C ARG C 321 -7.78 -31.23 16.52
N LEU C 322 -8.42 -30.19 17.06
CA LEU C 322 -9.38 -30.37 18.15
C LEU C 322 -10.77 -30.75 17.63
N ASP C 323 -10.86 -31.93 17.03
CA ASP C 323 -12.09 -32.44 16.41
C ASP C 323 -13.33 -32.43 17.30
N HIS C 324 -13.17 -32.72 18.58
CA HIS C 324 -14.31 -32.76 19.49
C HIS C 324 -14.89 -31.37 19.73
N THR C 325 -14.03 -30.36 19.67
CA THR C 325 -14.46 -28.97 19.84
C THR C 325 -15.20 -28.53 18.58
N PHE C 326 -14.58 -28.80 17.44
CA PHE C 326 -15.14 -28.54 16.11
C PHE C 326 -16.54 -29.13 15.98
N GLU C 327 -16.70 -30.40 16.37
CA GLU C 327 -18.01 -31.07 16.32
C GLU C 327 -19.13 -30.30 16.99
N GLN C 328 -18.83 -29.63 18.09
CA GLN C 328 -19.87 -28.96 18.86
C GLN C 328 -20.07 -27.48 18.52
N ILE C 329 -19.25 -26.95 17.64
CA ILE C 329 -19.46 -25.58 17.19
C ILE C 329 -20.69 -25.55 16.29
N PRO C 330 -21.62 -24.61 16.55
CA PRO C 330 -22.84 -24.49 15.73
C PRO C 330 -22.51 -24.41 14.25
N SER C 331 -23.33 -25.04 13.42
CA SER C 331 -23.00 -25.13 12.01
C SER C 331 -22.92 -23.74 11.36
N ARG C 332 -23.70 -22.79 11.87
CA ARG C 332 -23.70 -21.45 11.30
C ARG C 332 -22.35 -20.74 11.56
N GLN C 333 -21.68 -21.11 12.64
CA GLN C 333 -20.36 -20.55 12.94
C GLN C 333 -19.28 -21.28 12.17
N LYS C 334 -19.45 -22.58 11.97
CA LYS C 334 -18.57 -23.34 11.09
C LYS C 334 -18.53 -22.67 9.71
N LYS C 335 -19.70 -22.27 9.23
CA LYS C 335 -19.81 -21.63 7.91
C LYS C 335 -19.07 -20.31 7.84
N ILE C 336 -19.25 -19.47 8.86
CA ILE C 336 -18.59 -18.18 8.96
C ILE C 336 -17.08 -18.35 8.93
N LEU C 337 -16.58 -19.31 9.71
CA LEU C 337 -15.15 -19.57 9.75
C LEU C 337 -14.66 -20.06 8.40
N GLU C 338 -15.39 -20.99 7.79
CA GLU C 338 -14.97 -21.56 6.52
C GLU C 338 -14.97 -20.51 5.40
N GLU C 339 -15.95 -19.61 5.41
CA GLU C 339 -15.98 -18.54 4.42
C GLU C 339 -14.81 -17.58 4.59
N ALA C 340 -14.46 -17.30 5.84
CA ALA C 340 -13.30 -16.46 6.16
C ALA C 340 -12.03 -17.12 5.65
N HIS C 341 -11.91 -18.42 5.89
CA HIS C 341 -10.75 -19.15 5.41
C HIS C 341 -10.67 -19.18 3.89
N GLU C 342 -11.82 -19.24 3.23
CA GLU C 342 -11.82 -19.31 1.77
C GLU C 342 -11.28 -18.02 1.15
N LEU C 343 -11.28 -16.93 1.90
CA LEU C 343 -10.67 -15.68 1.44
C LEU C 343 -9.21 -15.89 1.07
N SER C 344 -8.53 -16.73 1.83
CA SER C 344 -7.10 -16.91 1.67
C SER C 344 -6.74 -17.97 0.64
N GLU C 345 -7.71 -18.79 0.24
CA GLU C 345 -7.47 -19.89 -0.70
C GLU C 345 -7.08 -19.39 -2.08
N ASP C 346 -6.36 -20.23 -2.82
CA ASP C 346 -5.89 -19.91 -4.15
C ASP C 346 -5.15 -18.58 -4.19
N HIS C 347 -4.18 -18.42 -3.28
CA HIS C 347 -3.36 -17.22 -3.25
C HIS C 347 -4.23 -15.96 -3.08
N TYR C 348 -5.14 -16.03 -2.11
CA TYR C 348 -5.94 -14.91 -1.67
C TYR C 348 -6.85 -14.34 -2.76
N LYS C 349 -7.29 -15.20 -3.67
CA LYS C 349 -8.16 -14.77 -4.76
C LYS C 349 -9.40 -14.03 -4.27
N LYS C 350 -10.12 -14.64 -3.33
CA LYS C 350 -11.37 -14.04 -2.86
C LYS C 350 -11.12 -12.86 -1.93
N TYR C 351 -10.07 -12.94 -1.12
CA TYR C 351 -9.67 -11.77 -0.34
C TYR C 351 -9.43 -10.54 -1.23
N LEU C 352 -8.67 -10.71 -2.31
CA LEU C 352 -8.33 -9.58 -3.18
C LEU C 352 -9.57 -8.97 -3.83
N ALA C 353 -10.48 -9.83 -4.28
CA ALA C 353 -11.74 -9.38 -4.86
C ALA C 353 -12.58 -8.64 -3.82
N LYS C 354 -12.63 -9.16 -2.61
CA LYS C 354 -13.39 -8.55 -1.53
C LYS C 354 -12.81 -7.17 -1.13
N LEU C 355 -11.50 -7.10 -0.94
CA LEU C 355 -10.83 -5.84 -0.60
C LEU C 355 -11.18 -4.73 -1.60
N ARG C 356 -11.17 -5.10 -2.88
CA ARG C 356 -11.45 -4.14 -3.95
C ARG C 356 -12.92 -3.80 -4.12
N SER C 357 -13.78 -4.45 -3.35
CA SER C 357 -15.20 -4.22 -3.52
C SER C 357 -15.82 -3.48 -2.33
N ILE C 358 -15.19 -3.52 -1.15
CA ILE C 358 -15.86 -2.97 0.02
C ILE C 358 -15.77 -1.44 0.05
N ASN C 359 -16.52 -0.85 0.96
CA ASN C 359 -16.48 0.58 1.21
C ASN C 359 -15.59 0.85 2.42
N PRO C 360 -14.45 1.52 2.23
CA PRO C 360 -13.59 1.79 3.39
C PRO C 360 -14.32 2.64 4.44
N PRO C 361 -13.81 2.71 5.67
CA PRO C 361 -12.49 2.23 6.15
C PRO C 361 -12.34 0.71 6.20
N CYS C 362 -11.10 0.25 6.01
CA CYS C 362 -10.78 -1.16 6.19
C CYS C 362 -9.37 -1.28 6.79
N VAL C 363 -9.02 -2.50 7.22
CA VAL C 363 -7.64 -2.83 7.58
C VAL C 363 -7.17 -3.99 6.70
N PRO C 364 -6.40 -3.69 5.65
CA PRO C 364 -5.89 -4.74 4.78
C PRO C 364 -4.98 -5.72 5.53
N PHE C 365 -4.85 -6.93 5.00
CA PHE C 365 -3.79 -7.83 5.40
C PHE C 365 -2.50 -7.39 4.72
N PHE C 366 -1.50 -7.02 5.51
CA PHE C 366 -0.27 -6.45 4.93
C PHE C 366 0.61 -7.50 4.23
N GLY C 367 0.53 -8.75 4.66
CA GLY C 367 1.46 -9.78 4.21
C GLY C 367 1.53 -9.92 2.69
N ILE C 368 0.39 -9.78 2.05
CA ILE C 368 0.36 -9.87 0.59
C ILE C 368 1.20 -8.77 -0.09
N TYR C 369 1.10 -7.56 0.42
CA TYR C 369 1.91 -6.45 -0.07
C TYR C 369 3.41 -6.70 0.08
N LEU C 370 3.80 -7.26 1.21
CA LEU C 370 5.21 -7.51 1.48
C LEU C 370 5.77 -8.50 0.45
N THR C 371 5.05 -9.59 0.23
CA THR C 371 5.46 -10.62 -0.72
C THR C 371 5.54 -10.05 -2.13
N ASN C 372 4.53 -9.28 -2.54
CA ASN C 372 4.56 -8.68 -3.88
C ASN C 372 5.66 -7.63 -4.05
N ILE C 373 5.91 -6.82 -3.02
CA ILE C 373 7.04 -5.89 -3.10
C ILE C 373 8.38 -6.65 -3.16
N LEU C 374 8.58 -7.61 -2.27
CA LEU C 374 9.82 -8.39 -2.28
C LEU C 374 10.08 -9.07 -3.63
N LYS C 375 9.06 -9.75 -4.15
CA LYS C 375 9.21 -10.49 -5.40
C LYS C 375 9.41 -9.56 -6.59
N THR C 376 8.77 -8.39 -6.56
CA THR C 376 8.95 -7.42 -7.63
C THR C 376 10.39 -6.95 -7.65
N GLU C 377 10.95 -6.73 -6.45
CA GLU C 377 12.30 -6.22 -6.36
C GLU C 377 13.36 -7.26 -6.71
N GLU C 378 13.11 -8.50 -6.32
CA GLU C 378 14.03 -9.61 -6.53
C GLU C 378 13.95 -10.12 -7.96
N GLY C 379 12.77 -10.08 -8.56
CA GLY C 379 12.55 -10.67 -9.86
C GLY C 379 12.72 -9.78 -11.08
N ASN C 380 13.17 -8.54 -10.87
CA ASN C 380 13.38 -7.60 -11.98
C ASN C 380 14.73 -6.92 -11.86
N PRO C 381 15.42 -6.69 -12.99
CA PRO C 381 16.75 -6.10 -12.91
C PRO C 381 16.72 -4.60 -12.63
N GLU C 382 17.73 -4.10 -11.93
CA GLU C 382 17.89 -2.68 -11.67
C GLU C 382 18.08 -1.86 -12.95
N VAL C 383 18.82 -2.40 -13.90
CA VAL C 383 19.06 -1.69 -15.14
C VAL C 383 18.70 -2.54 -16.35
N LEU C 384 18.39 -1.85 -17.43
CA LEU C 384 18.26 -2.45 -18.73
C LEU C 384 19.44 -2.01 -19.59
N LYS C 385 20.02 -2.93 -20.33
CA LYS C 385 21.15 -2.59 -21.20
C LYS C 385 20.67 -2.46 -22.63
N ARG C 386 20.93 -1.31 -23.22
CA ARG C 386 20.46 -0.98 -24.56
C ARG C 386 21.50 -0.17 -25.32
N HIS C 387 21.88 -0.65 -26.50
CA HIS C 387 22.82 0.04 -27.37
C HIS C 387 24.12 0.41 -26.65
N GLY C 388 24.61 -0.48 -25.81
CA GLY C 388 25.83 -0.21 -25.06
C GLY C 388 25.67 0.66 -23.82
N LYS C 389 24.45 1.11 -23.55
CA LYS C 389 24.19 1.99 -22.41
C LYS C 389 23.43 1.28 -21.29
N GLU C 390 23.64 1.71 -20.04
CA GLU C 390 22.83 1.22 -18.94
C GLU C 390 21.70 2.20 -18.63
N LEU C 391 20.47 1.73 -18.74
CA LEU C 391 19.31 2.56 -18.45
C LEU C 391 18.68 2.09 -17.15
N ILE C 392 18.22 3.02 -16.32
CA ILE C 392 17.50 2.65 -15.12
C ILE C 392 16.19 1.98 -15.48
N ASN C 393 15.96 0.81 -14.90
CA ASN C 393 14.70 0.11 -15.14
C ASN C 393 13.59 0.72 -14.31
N PHE C 394 12.91 1.70 -14.89
CA PHE C 394 11.91 2.44 -14.13
C PHE C 394 10.60 1.65 -13.95
N SER C 395 10.29 0.76 -14.88
CA SER C 395 9.05 -0.02 -14.78
C SER C 395 9.04 -0.87 -13.49
N LYS C 396 10.20 -1.38 -13.09
CA LYS C 396 10.34 -2.07 -11.81
C LYS C 396 9.93 -1.17 -10.64
N ARG C 397 10.38 0.08 -10.66
CA ARG C 397 10.07 1.04 -9.61
C ARG C 397 8.59 1.41 -9.64
N ARG C 398 8.03 1.59 -10.84
CA ARG C 398 6.60 1.85 -10.97
C ARG C 398 5.76 0.72 -10.35
N LYS C 399 6.17 -0.54 -10.54
CA LYS C 399 5.45 -1.66 -9.95
C LYS C 399 5.45 -1.61 -8.42
N VAL C 400 6.60 -1.32 -7.84
CA VAL C 400 6.70 -1.18 -6.40
C VAL C 400 5.81 -0.03 -5.90
N ALA C 401 5.84 1.08 -6.62
CA ALA C 401 5.09 2.27 -6.21
C ALA C 401 3.58 2.09 -6.38
N GLU C 402 3.16 1.21 -7.27
CA GLU C 402 1.75 0.87 -7.39
C GLU C 402 1.31 0.15 -6.12
N ILE C 403 2.18 -0.70 -5.59
CA ILE C 403 1.85 -1.37 -4.34
C ILE C 403 1.85 -0.42 -3.14
N THR C 404 2.90 0.40 -2.99
CA THR C 404 2.88 1.36 -1.88
C THR C 404 1.73 2.38 -2.02
N GLY C 405 1.37 2.72 -3.26
CA GLY C 405 0.24 3.60 -3.50
C GLY C 405 -1.08 2.98 -3.06
N GLU C 406 -1.28 1.70 -3.34
CA GLU C 406 -2.49 1.04 -2.86
C GLU C 406 -2.51 0.99 -1.32
N ILE C 407 -1.37 0.73 -0.72
CA ILE C 407 -1.26 0.75 0.73
C ILE C 407 -1.69 2.11 1.28
N GLN C 408 -1.13 3.17 0.72
CA GLN C 408 -1.44 4.52 1.17
C GLN C 408 -2.91 4.86 0.98
N GLN C 409 -3.50 4.41 -0.13
CA GLN C 409 -4.91 4.67 -0.40
C GLN C 409 -5.82 4.14 0.74
N TYR C 410 -5.54 2.94 1.25
CA TYR C 410 -6.33 2.40 2.36
C TYR C 410 -5.93 2.99 3.69
N GLN C 411 -4.86 3.79 3.74
CA GLN C 411 -4.45 4.41 5.01
C GLN C 411 -5.19 5.74 5.27
N ASN C 412 -5.95 6.21 4.30
CA ASN C 412 -6.57 7.53 4.45
C ASN C 412 -7.82 7.57 5.33
N GLN C 413 -8.69 6.57 5.20
CA GLN C 413 -10.02 6.60 5.83
C GLN C 413 -9.98 6.16 7.30
N PRO C 414 -10.39 7.03 8.22
CA PRO C 414 -10.41 6.68 9.64
C PRO C 414 -11.69 5.96 10.06
N TYR C 415 -11.62 5.14 11.09
CA TYR C 415 -12.80 4.49 11.66
C TYR C 415 -13.61 5.44 12.54
N CYS C 416 -14.94 5.41 12.38
CA CYS C 416 -15.81 6.15 13.28
C CYS C 416 -16.17 5.27 14.47
N LEU C 417 -15.20 5.08 15.36
CA LEU C 417 -15.36 4.28 16.56
C LEU C 417 -14.67 4.97 17.73
N ARG C 418 -15.30 4.93 18.89
CA ARG C 418 -14.74 5.54 20.08
C ARG C 418 -13.68 4.64 20.72
N VAL C 419 -12.53 5.23 21.03
CA VAL C 419 -11.51 4.53 21.80
C VAL C 419 -11.98 4.31 23.23
N GLU C 420 -11.76 3.09 23.74
CA GLU C 420 -11.90 2.84 25.16
C GLU C 420 -10.49 2.60 25.72
N SER C 421 -9.99 3.58 26.47
CA SER C 421 -8.58 3.63 26.88
C SER C 421 -8.09 2.39 27.62
N ASP C 422 -8.88 1.87 28.56
CA ASP C 422 -8.52 0.67 29.31
C ASP C 422 -8.50 -0.60 28.44
N ILE C 423 -9.52 -0.79 27.61
CA ILE C 423 -9.54 -1.94 26.72
C ILE C 423 -8.39 -1.87 25.71
N LYS C 424 -8.14 -0.68 25.18
CA LYS C 424 -7.00 -0.44 24.31
C LYS C 424 -5.69 -0.85 24.98
N ARG C 425 -5.48 -0.41 26.22
CA ARG C 425 -4.26 -0.73 26.96
C ARG C 425 -4.15 -2.24 27.21
N PHE C 426 -5.26 -2.86 27.60
CA PHE C 426 -5.30 -4.31 27.79
C PHE C 426 -4.76 -5.05 26.56
N PHE C 427 -5.20 -4.67 25.37
CA PHE C 427 -4.72 -5.33 24.17
C PHE C 427 -3.34 -4.87 23.74
N GLU C 428 -2.96 -3.63 24.07
CA GLU C 428 -1.59 -3.18 23.79
C GLU C 428 -0.59 -3.96 24.61
N ASN C 429 -0.97 -4.32 25.84
CA ASN C 429 -0.07 -5.04 26.74
C ASN C 429 -0.20 -6.56 26.69
N LEU C 430 -1.07 -7.08 25.83
CA LEU C 430 -1.22 -8.53 25.69
C LEU C 430 0.13 -9.18 25.41
N ASN C 431 0.47 -10.18 26.22
CA ASN C 431 1.75 -10.85 26.05
C ASN C 431 1.62 -12.35 26.34
N PRO C 432 0.95 -13.09 25.45
CA PRO C 432 0.68 -14.51 25.69
C PRO C 432 1.91 -15.38 25.92
N MET C 433 3.06 -15.04 25.32
CA MET C 433 4.26 -15.87 25.50
C MET C 433 4.96 -15.63 26.84
N GLY C 434 4.60 -14.55 27.53
CA GLY C 434 5.27 -14.20 28.77
C GLY C 434 6.77 -14.07 28.52
N ASN C 435 7.57 -14.72 29.36
CA ASN C 435 9.03 -14.70 29.22
C ASN C 435 9.58 -15.84 28.37
N SER C 436 8.70 -16.66 27.81
CA SER C 436 9.13 -17.83 27.06
C SER C 436 9.51 -17.46 25.65
N MET C 437 10.49 -18.17 25.11
CA MET C 437 10.85 -18.08 23.71
C MET C 437 9.79 -18.73 22.83
N GLU C 438 9.78 -18.39 21.55
CA GLU C 438 8.75 -18.84 20.62
C GLU C 438 8.62 -20.36 20.50
N LYS C 439 9.73 -21.06 20.31
CA LYS C 439 9.67 -22.50 20.14
C LYS C 439 9.09 -23.16 21.39
N GLU C 440 9.55 -22.76 22.57
CA GLU C 440 9.09 -23.41 23.78
C GLU C 440 7.62 -23.06 24.08
N PHE C 441 7.17 -21.87 23.72
CA PHE C 441 5.77 -21.53 23.91
C PHE C 441 4.91 -22.31 22.91
N THR C 442 5.39 -22.38 21.68
CA THR C 442 4.71 -23.09 20.61
C THR C 442 4.61 -24.61 20.92
N ASP C 443 5.69 -25.18 21.45
CA ASP C 443 5.68 -26.59 21.86
C ASP C 443 4.71 -26.79 23.01
N TYR C 444 4.70 -25.83 23.92
CA TYR C 444 3.76 -25.84 25.02
C TYR C 444 2.30 -25.89 24.52
N LEU C 445 1.95 -25.04 23.56
CA LEU C 445 0.57 -24.99 23.06
C LEU C 445 0.16 -26.34 22.46
N PHE C 446 1.07 -26.94 21.72
CA PHE C 446 0.74 -28.20 21.07
C PHE C 446 0.64 -29.33 22.09
N ASN C 447 1.46 -29.28 23.15
CA ASN C 447 1.36 -30.28 24.20
C ASN C 447 0.05 -30.15 24.96
N LYS C 448 -0.38 -28.91 25.22
CA LYS C 448 -1.68 -28.68 25.83
C LYS C 448 -2.77 -29.28 24.95
N SER C 449 -2.66 -29.07 23.64
CA SER C 449 -3.62 -29.62 22.69
C SER C 449 -3.69 -31.15 22.82
N LEU C 450 -2.52 -31.80 22.82
CA LEU C 450 -2.45 -33.25 22.98
C LEU C 450 -3.07 -33.71 24.29
N GLU C 451 -2.86 -32.94 25.36
CA GLU C 451 -3.44 -33.26 26.65
C GLU C 451 -4.97 -33.22 26.64
N ILE C 452 -5.55 -32.16 26.06
CA ILE C 452 -6.99 -31.96 26.19
C ILE C 452 -7.76 -32.81 25.20
N GLU C 453 -7.15 -33.15 24.08
CA GLU C 453 -7.74 -34.05 23.09
C GLU C 453 -6.66 -34.96 22.54
N PRO C 454 -6.39 -36.06 23.28
CA PRO C 454 -5.34 -37.01 22.91
C PRO C 454 -5.52 -37.60 21.51
N ARG C 455 -4.41 -38.03 20.91
CA ARG C 455 -4.45 -38.70 19.61
C ARG C 455 -5.29 -39.98 19.70
N ASN C 456 -5.96 -40.32 18.61
CA ASN C 456 -6.55 -41.63 18.45
C ASN C 456 -5.48 -42.69 18.63
N PRO C 457 -5.81 -43.81 19.29
CA PRO C 457 -7.14 -44.13 19.78
C PRO C 457 -7.33 -43.86 21.27
N LYS C 458 -6.52 -42.98 21.85
CA LYS C 458 -6.73 -42.59 23.23
C LYS C 458 -8.12 -41.96 23.37
N PRO C 459 -8.88 -42.40 24.38
CA PRO C 459 -10.21 -41.84 24.62
C PRO C 459 -10.11 -40.44 25.21
N LEU C 460 -11.19 -39.68 25.09
CA LEU C 460 -11.22 -38.32 25.57
C LEU C 460 -11.41 -38.25 27.07
N PRO C 461 -10.44 -37.65 27.79
CA PRO C 461 -10.56 -37.43 29.24
C PRO C 461 -11.54 -36.30 29.56
N ARG C 462 -11.94 -36.18 30.82
CA ARG C 462 -12.69 -35.02 31.27
C ARG C 462 -11.82 -34.14 32.15
N PHE C 463 -12.16 -32.86 32.12
CA PHE C 463 -11.44 -31.84 32.86
C PHE C 463 -12.42 -30.94 33.61
N PRO C 464 -11.99 -30.41 34.75
CA PRO C 464 -12.87 -29.51 35.50
C PRO C 464 -12.99 -28.13 34.85
N LYS C 465 -14.10 -27.44 35.14
CA LYS C 465 -14.36 -26.10 34.64
C LYS C 465 -13.45 -25.09 35.33
N LYS C 466 -13.12 -24.00 34.65
CA LYS C 466 -12.26 -22.97 35.25
C LYS C 466 -12.93 -21.61 35.35
N TYR C 467 -14.04 -21.40 34.63
CA TYR C 467 -14.66 -20.08 34.62
C TYR C 467 -15.82 -20.01 35.60
N SER C 468 -15.80 -19.01 36.48
CA SER C 468 -16.80 -18.88 37.52
C SER C 468 -17.95 -17.95 37.13
N TYR C 469 -17.89 -17.40 35.93
CA TYR C 469 -18.90 -16.47 35.44
C TYR C 469 -19.66 -17.13 34.29
N PRO C 470 -20.83 -16.58 33.92
CA PRO C 470 -21.61 -17.22 32.83
C PRO C 470 -20.85 -17.27 31.51
N LEU C 471 -21.00 -18.38 30.78
CA LEU C 471 -20.37 -18.55 29.48
C LEU C 471 -21.23 -18.05 28.30
N LYS C 472 -22.49 -17.73 28.56
CA LYS C 472 -23.38 -17.31 27.48
C LYS C 472 -22.93 -15.97 26.88
N SER C 473 -22.73 -15.95 25.57
CA SER C 473 -22.36 -14.74 24.88
C SER C 473 -23.51 -13.71 24.83
N PRO C 474 -23.18 -12.42 24.95
CA PRO C 474 -24.19 -11.39 24.74
C PRO C 474 -24.50 -11.20 23.23
N GLY C 475 -23.79 -11.93 22.37
CA GLY C 475 -24.04 -11.86 20.94
C GLY C 475 -23.33 -10.68 20.28
N VAL C 476 -23.41 -10.58 18.96
CA VAL C 476 -22.66 -9.55 18.24
C VAL C 476 -23.50 -8.47 17.57
N ARG C 477 -24.79 -8.42 17.86
CA ARG C 477 -25.61 -7.31 17.36
C ARG C 477 -25.60 -6.17 18.37
N PRO C 478 -25.28 -4.96 17.91
CA PRO C 478 -25.14 -3.81 18.81
C PRO C 478 -26.47 -3.36 19.42
N SER C 479 -26.38 -2.82 20.63
CA SER C 479 -27.52 -2.30 21.37
C SER C 479 -27.52 -0.78 21.30
N ASN C 480 -28.66 -0.15 21.53
CA ASN C 480 -28.74 1.29 21.47
C ASN C 480 -29.82 1.91 22.35
N PRO C 481 -29.45 2.31 23.58
CA PRO C 481 -30.29 3.13 24.46
C PRO C 481 -30.54 4.51 23.85
N ARG C 482 -31.51 5.25 24.39
CA ARG C 482 -31.84 6.56 23.83
C ARG C 482 -30.67 7.52 24.04
MG MG D . -4.92 24.10 -3.34
PG GNP E . -4.86 27.08 -4.35
O1G GNP E . -4.31 25.68 -4.26
O2G GNP E . -3.78 28.13 -4.33
O3G GNP E . -5.60 27.37 -5.63
N3B GNP E . -5.88 27.28 -3.12
PB GNP E . -7.12 26.30 -2.71
O1B GNP E . -6.62 24.91 -2.70
O2B GNP E . -8.24 26.57 -3.62
O3A GNP E . -7.60 26.64 -1.30
PA GNP E . -7.19 25.97 0.02
O1A GNP E . -7.85 24.66 0.14
O2A GNP E . -5.72 26.00 0.18
O5' GNP E . -7.83 26.83 1.16
C5' GNP E . -7.61 28.24 1.25
C4' GNP E . -7.92 28.73 2.66
O4' GNP E . -9.34 28.72 2.89
C3' GNP E . -7.31 27.87 3.78
O3' GNP E . -6.84 28.69 4.85
C2' GNP E . -8.48 26.99 4.21
O2' GNP E . -8.38 26.57 5.55
C1' GNP E . -9.68 27.91 4.00
N9 GNP E . -10.89 27.16 3.67
C8 GNP E . -11.05 26.25 2.65
N7 GNP E . -12.23 25.73 2.57
C5 GNP E . -12.92 26.34 3.62
C6 GNP E . -14.27 26.18 4.05
O6 GNP E . -15.15 25.44 3.59
N1 GNP E . -14.56 26.98 5.15
C2 GNP E . -13.68 27.84 5.75
N2 GNP E . -14.15 28.55 6.79
N3 GNP E . -12.42 28.00 5.36
C4 GNP E . -12.11 27.23 4.29
C10 5UX F . -11.30 -28.54 11.06
C13 5UX F . -11.52 -31.03 9.71
C15 5UX F . -11.27 -29.78 11.90
C17 5UX F . -11.32 -26.27 9.62
C21 5UX F . -10.39 -23.94 10.78
C22 5UX F . -10.39 -25.11 11.48
C24 5UX F . -12.12 -26.07 13.83
CL01 5UX F . -14.11 -24.56 14.75
C02 5UX F . -12.81 -25.63 14.91
C03 5UX F . -12.47 -26.01 16.14
F04 5UX F . -13.16 -25.56 17.13
C05 5UX F . -11.43 -26.86 16.33
C06 5UX F . -10.74 -27.34 15.26
C07 5UX F . -11.08 -26.94 14.01
N08 5UX F . -10.38 -27.42 12.93
C09 5UX F . -10.85 -27.40 11.63
C11 5UX F . -11.75 -28.56 9.76
C12 5UX F . -12.25 -29.83 9.15
C14 5UX F . -11.72 -31.06 11.20
N16 5UX F . -11.76 -27.42 9.06
C18 5UX F . -11.31 -25.09 8.90
C19 5UX F . -10.85 -23.94 9.50
CL20 5UX F . -10.84 -22.48 8.60
C23 5UX F . -10.86 -26.26 10.92
#